data_6MG6
#
_entry.id   6MG6
#
_cell.length_a   137.580
_cell.length_b   91.380
_cell.length_c   95.040
_cell.angle_alpha   90.000
_cell.angle_beta   90.000
_cell.angle_gamma   90.000
#
_symmetry.space_group_name_H-M   'P 21 21 2'
#
loop_
_entity.id
_entity.type
_entity.pdbx_description
1 polymer 'Carbon-nitrogen hydrolase'
2 non-polymer 'SULFATE ION'
3 water water
#
_entity_poly.entity_id   1
_entity_poly.type   'polypeptide(L)'
_entity_poly.pdbx_seq_one_letter_code
;MAHHHHHHMIYAGVLQHAYCGSRKKTIEHTANLLEQALKKHPKTNLVVLQELNPYSYFCQSENPKFFDLGEYFEEDKAFF
SALAQKFQVVLIASLFEKRAKGLYHNSAVVFEKDGSIAGVYRKMHIPDDPGFYEKFYFTPGDLGFEPIITSVGKLGLMVC
WDQWYPEAARIMALKGAEILIYPSAIGFLEEDSNEEKKRQQNAWETIQRGHAIANGLPLIATNRVGVELDPSGAIKGGIT
FFGSSFVVGALGEFLAKASDKEEILYAEIDLERTEEVRRMWPFLRDRRIDFYNDLLKRYI
;
_entity_poly.pdbx_strand_id   A,B,C,D
#
# COMPACT_ATOMS: atom_id res chain seq x y z
N HIS A 7 30.64 -10.08 -11.88
CA HIS A 7 30.88 -9.03 -12.85
C HIS A 7 29.62 -8.68 -13.64
N HIS A 8 29.20 -9.58 -14.55
CA HIS A 8 27.97 -9.45 -15.32
C HIS A 8 27.95 -8.18 -16.19
N MET A 9 28.70 -8.22 -17.29
CA MET A 9 28.90 -7.11 -18.20
C MET A 9 28.33 -7.44 -19.58
N ILE A 10 27.76 -6.43 -20.23
CA ILE A 10 27.39 -6.50 -21.64
C ILE A 10 28.29 -5.56 -22.42
N TYR A 11 29.04 -6.10 -23.37
CA TYR A 11 29.90 -5.30 -24.27
C TYR A 11 29.14 -5.16 -25.58
N ALA A 12 28.46 -4.02 -25.72
CA ALA A 12 27.44 -3.83 -26.74
C ALA A 12 28.03 -3.11 -27.94
N GLY A 13 27.75 -3.61 -29.12
CA GLY A 13 28.10 -2.94 -30.36
C GLY A 13 26.83 -2.68 -31.14
N VAL A 14 26.72 -1.48 -31.71
CA VAL A 14 25.60 -1.08 -32.52
C VAL A 14 26.10 -0.77 -33.92
N LEU A 15 25.48 -1.36 -34.93
CA LEU A 15 25.85 -1.16 -36.33
C LEU A 15 24.82 -0.22 -36.94
N GLN A 16 25.20 1.04 -37.09
CA GLN A 16 24.35 2.08 -37.62
C GLN A 16 24.81 2.41 -39.03
N HIS A 17 23.96 2.17 -40.03
CA HIS A 17 24.39 2.37 -41.41
C HIS A 17 23.16 2.66 -42.26
N ALA A 18 23.40 2.94 -43.53
CA ALA A 18 22.35 3.23 -44.50
C ALA A 18 21.93 1.95 -45.20
N TYR A 19 20.77 2.01 -45.85
CA TYR A 19 20.40 0.98 -46.80
C TYR A 19 21.27 1.10 -48.04
N CYS A 20 21.75 -0.04 -48.56
CA CYS A 20 22.78 -0.03 -49.61
C CYS A 20 22.24 -0.28 -51.01
N GLY A 21 20.93 -0.14 -51.23
CA GLY A 21 20.36 -0.25 -52.55
C GLY A 21 19.78 -1.61 -52.88
N SER A 22 20.20 -2.67 -52.19
CA SER A 22 19.60 -3.97 -52.37
C SER A 22 19.70 -4.74 -51.06
N ARG A 23 18.85 -5.75 -50.91
CA ARG A 23 18.98 -6.62 -49.75
C ARG A 23 20.37 -7.24 -49.69
N LYS A 24 20.84 -7.77 -50.82
CA LYS A 24 22.12 -8.46 -50.83
C LYS A 24 23.26 -7.53 -50.42
N LYS A 25 23.32 -6.34 -51.01
CA LYS A 25 24.40 -5.41 -50.66
C LYS A 25 24.31 -4.98 -49.21
N THR A 26 23.09 -4.76 -48.71
CA THR A 26 22.92 -4.25 -47.36
C THR A 26 23.36 -5.27 -46.32
N ILE A 27 22.90 -6.53 -46.43
CA ILE A 27 23.28 -7.51 -45.41
C ILE A 27 24.78 -7.80 -45.47
N GLU A 28 25.35 -7.81 -46.66
CA GLU A 28 26.80 -7.98 -46.76
C GLU A 28 27.52 -6.79 -46.14
N HIS A 29 27.00 -5.58 -46.34
CA HIS A 29 27.57 -4.41 -45.67
C HIS A 29 27.49 -4.55 -44.16
N THR A 30 26.35 -5.02 -43.64
CA THR A 30 26.24 -5.26 -42.19
C THR A 30 27.27 -6.27 -41.73
N ALA A 31 27.47 -7.36 -42.49
CA ALA A 31 28.45 -8.38 -42.12
C ALA A 31 29.86 -7.82 -42.08
N ASN A 32 30.22 -6.99 -43.07
CA ASN A 32 31.52 -6.33 -43.03
C ASN A 32 31.64 -5.41 -41.82
N LEU A 33 30.59 -4.63 -41.51
CA LEU A 33 30.69 -3.75 -40.34
C LEU A 33 30.79 -4.56 -39.05
N LEU A 34 30.07 -5.67 -38.96
CA LEU A 34 30.17 -6.54 -37.80
C LEU A 34 31.60 -7.04 -37.64
N GLU A 35 32.23 -7.41 -38.75
CA GLU A 35 33.61 -7.85 -38.69
C GLU A 35 34.52 -6.71 -38.21
N GLN A 36 34.33 -5.50 -38.75
CA GLN A 36 35.13 -4.36 -38.28
C GLN A 36 34.92 -4.13 -36.79
N ALA A 37 33.67 -4.20 -36.35
CA ALA A 37 33.35 -3.95 -34.94
C ALA A 37 34.06 -4.92 -34.02
N LEU A 38 34.08 -6.21 -34.36
CA LEU A 38 34.73 -7.15 -33.48
C LEU A 38 36.24 -7.07 -33.52
N LYS A 39 36.84 -6.57 -34.60
CA LYS A 39 38.26 -6.34 -34.59
C LYS A 39 38.61 -5.16 -33.69
N LYS A 40 37.82 -4.08 -33.78
CA LYS A 40 38.06 -2.90 -32.96
C LYS A 40 37.70 -3.13 -31.49
N HIS A 41 36.63 -3.87 -31.22
CA HIS A 41 36.15 -4.09 -29.85
C HIS A 41 36.05 -5.60 -29.62
N PRO A 42 37.17 -6.26 -29.32
CA PRO A 42 37.17 -7.74 -29.25
C PRO A 42 36.32 -8.31 -28.14
N LYS A 43 35.97 -7.53 -27.11
CA LYS A 43 35.17 -8.02 -26.00
C LYS A 43 33.67 -8.06 -26.30
N THR A 44 33.25 -7.49 -27.43
CA THR A 44 31.83 -7.39 -27.75
C THR A 44 31.12 -8.72 -27.59
N ASN A 45 30.04 -8.74 -26.81
CA ASN A 45 29.26 -9.97 -26.70
C ASN A 45 27.82 -9.78 -27.13
N LEU A 46 27.42 -8.56 -27.49
CA LEU A 46 26.07 -8.30 -27.97
C LEU A 46 26.15 -7.29 -29.09
N VAL A 47 25.55 -7.61 -30.23
CA VAL A 47 25.47 -6.69 -31.36
C VAL A 47 24.00 -6.46 -31.67
N VAL A 48 23.60 -5.20 -31.79
CA VAL A 48 22.22 -4.83 -32.10
C VAL A 48 22.20 -4.11 -33.43
N LEU A 49 21.34 -4.58 -34.33
CA LEU A 49 21.22 -3.96 -35.63
C LEU A 49 20.11 -2.92 -35.60
N GLN A 50 19.97 -2.18 -36.71
CA GLN A 50 18.89 -1.21 -36.86
C GLN A 50 17.60 -1.91 -37.29
N GLU A 51 16.47 -1.23 -37.12
CA GLU A 51 15.20 -1.84 -37.50
C GLU A 51 15.16 -2.16 -39.00
N LEU A 52 14.54 -3.29 -39.35
CA LEU A 52 14.44 -3.73 -40.74
C LEU A 52 15.80 -3.65 -41.46
N ASN A 53 16.82 -4.21 -40.82
CA ASN A 53 18.18 -3.93 -41.24
C ASN A 53 18.53 -4.40 -42.65
N PRO A 54 17.91 -5.43 -43.25
CA PRO A 54 18.27 -5.75 -44.65
C PRO A 54 17.65 -4.81 -45.68
N TYR A 55 16.66 -4.01 -45.31
CA TYR A 55 15.77 -3.41 -46.29
C TYR A 55 15.77 -1.88 -46.20
N SER A 56 15.21 -1.27 -47.24
CA SER A 56 14.82 0.11 -47.10
C SER A 56 13.68 0.19 -46.09
N TYR A 57 13.41 1.40 -45.59
CA TYR A 57 12.23 1.61 -44.78
C TYR A 57 11.04 1.64 -45.74
N PHE A 58 10.57 0.47 -46.12
CA PHE A 58 9.62 0.39 -47.21
C PHE A 58 8.22 0.84 -46.82
N CYS A 59 8.00 1.17 -45.55
CA CYS A 59 6.71 1.69 -45.10
C CYS A 59 6.55 3.15 -45.44
N GLN A 60 7.53 3.76 -46.11
CA GLN A 60 7.34 5.14 -46.54
C GLN A 60 6.14 5.25 -47.48
N SER A 61 5.82 4.16 -48.19
CA SER A 61 4.63 4.13 -49.04
C SER A 61 3.81 2.89 -48.71
N GLU A 62 2.58 2.87 -49.19
CA GLU A 62 1.66 1.77 -48.98
C GLU A 62 1.50 1.04 -50.32
N ASN A 63 2.20 -0.08 -50.47
CA ASN A 63 2.22 -0.76 -51.76
C ASN A 63 2.32 -2.26 -51.48
N PRO A 64 1.31 -3.06 -51.83
CA PRO A 64 1.32 -4.46 -51.42
C PRO A 64 2.48 -5.27 -52.00
N LYS A 65 3.18 -4.76 -53.02
CA LYS A 65 4.29 -5.52 -53.57
C LYS A 65 5.39 -5.75 -52.54
N PHE A 66 5.49 -4.87 -51.53
CA PHE A 66 6.57 -5.06 -50.55
C PHE A 66 6.35 -6.29 -49.68
N PHE A 67 5.15 -6.88 -49.70
CA PHE A 67 4.96 -8.15 -49.01
C PHE A 67 5.84 -9.24 -49.60
N ASP A 68 6.29 -9.05 -50.85
CA ASP A 68 7.26 -9.96 -51.43
C ASP A 68 8.54 -10.05 -50.60
N LEU A 69 8.90 -8.96 -49.92
CA LEU A 69 10.08 -9.00 -49.07
C LEU A 69 9.91 -9.96 -47.89
N GLY A 70 8.66 -10.28 -47.53
CA GLY A 70 8.41 -11.24 -46.46
C GLY A 70 8.91 -12.64 -46.75
N GLU A 71 9.19 -12.94 -48.02
CA GLU A 71 9.64 -14.26 -48.41
C GLU A 71 11.11 -14.53 -48.09
N TYR A 72 11.83 -13.55 -47.55
CA TYR A 72 13.24 -13.71 -47.23
C TYR A 72 13.47 -14.10 -45.78
N PHE A 73 12.40 -14.25 -44.98
CA PHE A 73 12.57 -14.36 -43.53
C PHE A 73 13.52 -15.48 -43.15
N GLU A 74 13.31 -16.69 -43.69
CA GLU A 74 14.17 -17.81 -43.35
C GLU A 74 15.59 -17.60 -43.86
N GLU A 75 15.74 -17.04 -45.07
CA GLU A 75 17.08 -16.76 -45.59
C GLU A 75 17.79 -15.70 -44.72
N ASP A 76 17.07 -14.67 -44.29
CA ASP A 76 17.65 -13.67 -43.39
C ASP A 76 18.07 -14.28 -42.07
N LYS A 77 17.21 -15.09 -41.48
CA LYS A 77 17.55 -15.75 -40.22
C LYS A 77 18.78 -16.63 -40.37
N ALA A 78 18.86 -17.39 -41.47
CA ALA A 78 20.04 -18.23 -41.69
C ALA A 78 21.30 -17.36 -41.80
N PHE A 79 21.19 -16.23 -42.51
CA PHE A 79 22.34 -15.36 -42.72
C PHE A 79 22.84 -14.76 -41.40
N PHE A 80 21.93 -14.23 -40.60
CA PHE A 80 22.36 -13.61 -39.36
C PHE A 80 22.62 -14.65 -38.27
N SER A 81 21.96 -15.81 -38.33
CA SER A 81 22.40 -16.92 -37.48
C SER A 81 23.88 -17.26 -37.75
N ALA A 82 24.26 -17.39 -39.02
CA ALA A 82 25.64 -17.75 -39.34
C ALA A 82 26.61 -16.67 -38.87
N LEU A 83 26.21 -15.40 -38.96
CA LEU A 83 27.05 -14.30 -38.49
C LEU A 83 27.27 -14.38 -36.98
N ALA A 84 26.19 -14.59 -36.23
CA ALA A 84 26.30 -14.71 -34.77
C ALA A 84 27.21 -15.87 -34.42
N GLN A 85 27.08 -16.99 -35.13
CA GLN A 85 27.95 -18.14 -34.90
C GLN A 85 29.37 -17.85 -35.31
N LYS A 86 29.56 -17.14 -36.42
CA LYS A 86 30.93 -16.90 -36.87
C LYS A 86 31.69 -16.05 -35.86
N PHE A 87 31.06 -15.00 -35.34
CA PHE A 87 31.76 -14.09 -34.44
C PHE A 87 31.46 -14.36 -32.97
N GLN A 88 30.63 -15.36 -32.68
CA GLN A 88 30.32 -15.78 -31.31
C GLN A 88 29.89 -14.60 -30.45
N VAL A 89 28.89 -13.89 -30.93
CA VAL A 89 28.24 -12.81 -30.19
C VAL A 89 26.75 -13.09 -30.20
N VAL A 90 26.06 -12.61 -29.18
CA VAL A 90 24.61 -12.54 -29.25
C VAL A 90 24.25 -11.45 -30.23
N LEU A 91 23.35 -11.75 -31.17
CA LEU A 91 23.08 -10.83 -32.26
C LEU A 91 21.58 -10.60 -32.39
N ILE A 92 21.18 -9.34 -32.48
CA ILE A 92 19.76 -8.98 -32.60
C ILE A 92 19.54 -8.41 -34.00
N ALA A 93 18.78 -9.12 -34.82
CA ALA A 93 18.42 -8.62 -36.14
C ALA A 93 16.94 -8.21 -36.13
N SER A 94 16.58 -7.26 -36.98
CA SER A 94 15.21 -6.77 -37.06
C SER A 94 14.67 -7.12 -38.44
N LEU A 95 13.79 -8.11 -38.51
CA LEU A 95 13.44 -8.78 -39.75
C LEU A 95 11.93 -8.63 -40.03
N PHE A 96 11.52 -9.18 -41.15
CA PHE A 96 10.18 -9.02 -41.69
C PHE A 96 9.58 -10.42 -41.81
N GLU A 97 8.75 -10.82 -40.86
CA GLU A 97 8.28 -12.19 -40.80
C GLU A 97 7.00 -12.38 -41.60
N LYS A 98 7.00 -13.38 -42.48
CA LYS A 98 5.77 -13.85 -43.09
C LYS A 98 5.28 -15.01 -42.24
N ARG A 99 4.23 -14.76 -41.46
CA ARG A 99 3.68 -15.79 -40.60
C ARG A 99 2.78 -16.76 -41.35
N ALA A 100 2.09 -16.25 -42.36
CA ALA A 100 1.17 -17.01 -43.19
C ALA A 100 0.85 -16.14 -44.39
N LYS A 101 0.12 -16.72 -45.33
CA LYS A 101 -0.39 -15.95 -46.46
C LYS A 101 -1.23 -14.79 -45.93
N GLY A 102 -0.88 -13.58 -46.35
CA GLY A 102 -1.59 -12.38 -45.93
C GLY A 102 -1.33 -11.95 -44.51
N LEU A 103 -0.32 -12.51 -43.85
CA LEU A 103 -0.09 -12.22 -42.44
C LEU A 103 1.39 -12.03 -42.20
N TYR A 104 1.77 -10.82 -41.79
CA TYR A 104 3.16 -10.45 -41.63
C TYR A 104 3.35 -9.73 -40.31
N HIS A 105 4.57 -9.82 -39.76
CA HIS A 105 4.96 -9.10 -38.56
C HIS A 105 6.30 -8.43 -38.75
N ASN A 106 6.51 -7.36 -38.00
CA ASN A 106 7.82 -6.74 -37.81
C ASN A 106 8.46 -7.48 -36.62
N SER A 107 9.43 -8.34 -36.89
CA SER A 107 9.88 -9.33 -35.90
C SER A 107 11.39 -9.20 -35.71
N ALA A 108 11.80 -8.87 -34.49
CA ALA A 108 13.21 -8.88 -34.14
C ALA A 108 13.58 -10.28 -33.65
N VAL A 109 14.70 -10.79 -34.13
CA VAL A 109 15.15 -12.14 -33.80
C VAL A 109 16.50 -12.05 -33.09
N VAL A 110 16.64 -12.80 -32.00
CA VAL A 110 17.83 -12.82 -31.17
C VAL A 110 18.55 -14.13 -31.43
N PHE A 111 19.81 -14.04 -31.87
CA PHE A 111 20.63 -15.22 -32.10
C PHE A 111 21.63 -15.37 -30.96
N GLU A 112 21.64 -16.56 -30.35
CA GLU A 112 22.66 -16.90 -29.38
C GLU A 112 24.01 -17.03 -30.08
N LYS A 113 25.09 -17.09 -29.28
CA LYS A 113 26.46 -17.13 -29.80
C LYS A 113 26.74 -18.36 -30.63
N ASP A 114 25.95 -19.41 -30.49
CA ASP A 114 26.09 -20.57 -31.33
C ASP A 114 25.20 -20.48 -32.56
N GLY A 115 24.55 -19.33 -32.77
CA GLY A 115 23.67 -19.15 -33.92
C GLY A 115 22.27 -19.65 -33.72
N SER A 116 21.98 -20.33 -32.62
CA SER A 116 20.63 -20.76 -32.35
C SER A 116 19.76 -19.54 -32.01
N ILE A 117 18.45 -19.69 -32.22
CA ILE A 117 17.52 -18.60 -32.00
C ILE A 117 17.13 -18.60 -30.54
N ALA A 118 17.53 -17.54 -29.82
CA ALA A 118 17.16 -17.43 -28.40
C ALA A 118 15.71 -17.01 -28.26
N GLY A 119 15.21 -16.20 -29.18
CA GLY A 119 13.83 -15.77 -29.09
C GLY A 119 13.49 -14.84 -30.23
N VAL A 120 12.20 -14.55 -30.33
CA VAL A 120 11.62 -13.70 -31.37
C VAL A 120 10.67 -12.74 -30.69
N TYR A 121 10.70 -11.47 -31.10
CA TYR A 121 9.75 -10.49 -30.61
C TYR A 121 9.05 -9.86 -31.79
N ARG A 122 7.72 -9.87 -31.75
CA ARG A 122 6.87 -9.24 -32.75
C ARG A 122 6.49 -7.86 -32.25
N LYS A 123 6.85 -6.84 -33.02
CA LYS A 123 6.50 -5.47 -32.70
C LYS A 123 5.03 -5.35 -32.28
N MET A 124 4.83 -4.74 -31.12
CA MET A 124 3.52 -4.69 -30.50
C MET A 124 2.75 -3.45 -30.92
N HIS A 125 3.38 -2.27 -30.82
CA HIS A 125 2.74 -1.00 -31.15
C HIS A 125 3.09 -0.66 -32.58
N ILE A 126 2.10 -0.51 -33.44
CA ILE A 126 2.31 -0.36 -34.87
C ILE A 126 1.89 1.06 -35.27
N PRO A 127 2.79 1.89 -35.79
CA PRO A 127 2.43 3.25 -36.15
C PRO A 127 1.72 3.35 -37.49
N ASP A 128 1.13 4.52 -37.74
CA ASP A 128 0.45 4.80 -39.00
C ASP A 128 0.39 6.32 -39.20
N ASP A 129 1.45 6.89 -39.79
CA ASP A 129 1.54 8.30 -40.14
C ASP A 129 1.99 8.40 -41.58
N PRO A 130 1.66 9.50 -42.28
CA PRO A 130 2.14 9.63 -43.67
C PRO A 130 3.64 9.38 -43.77
N GLY A 131 4.03 8.46 -44.64
CA GLY A 131 5.42 8.06 -44.71
C GLY A 131 5.84 7.01 -43.71
N PHE A 132 4.96 6.65 -42.78
CA PHE A 132 5.23 5.59 -41.80
C PHE A 132 3.98 4.72 -41.71
N TYR A 133 3.60 4.14 -42.86
CA TYR A 133 2.36 3.38 -43.01
C TYR A 133 2.51 1.93 -42.52
N GLU A 134 2.89 1.78 -41.25
CA GLU A 134 3.26 0.44 -40.82
C GLU A 134 2.05 -0.46 -40.58
N LYS A 135 0.90 0.13 -40.19
CA LYS A 135 -0.28 -0.69 -39.93
C LYS A 135 -0.76 -1.40 -41.18
N PHE A 136 -0.37 -0.92 -42.35
CA PHE A 136 -0.74 -1.59 -43.57
C PHE A 136 -0.02 -2.92 -43.72
N TYR A 137 1.22 -2.99 -43.25
CA TYR A 137 2.09 -4.15 -43.48
C TYR A 137 2.13 -5.12 -42.30
N PHE A 138 2.21 -4.60 -41.07
CA PHE A 138 2.55 -5.40 -39.90
C PHE A 138 1.31 -5.66 -39.06
N THR A 139 0.93 -6.93 -38.97
CA THR A 139 -0.03 -7.33 -37.95
C THR A 139 0.56 -7.05 -36.57
N PRO A 140 -0.19 -6.43 -35.65
CA PRO A 140 0.37 -6.17 -34.32
C PRO A 140 0.76 -7.48 -33.63
N GLY A 141 1.85 -7.44 -32.87
CA GLY A 141 2.31 -8.64 -32.21
C GLY A 141 1.24 -9.24 -31.32
N ASP A 142 1.32 -10.55 -31.16
CA ASP A 142 0.37 -11.30 -30.35
C ASP A 142 1.04 -12.06 -29.22
N LEU A 143 2.35 -11.98 -29.09
CA LEU A 143 3.10 -12.63 -28.02
C LEU A 143 3.23 -11.75 -26.77
N GLY A 144 3.02 -10.45 -26.89
CA GLY A 144 3.13 -9.60 -25.72
C GLY A 144 4.56 -9.17 -25.46
N PHE A 145 4.76 -8.70 -24.24
CA PHE A 145 6.02 -8.10 -23.81
C PHE A 145 6.73 -9.13 -22.96
N GLU A 146 7.58 -9.94 -23.59
CA GLU A 146 8.32 -10.99 -22.90
C GLU A 146 9.80 -10.80 -23.15
N PRO A 147 10.63 -10.71 -22.12
CA PRO A 147 12.08 -10.63 -22.34
C PRO A 147 12.60 -11.94 -22.89
N ILE A 148 13.75 -11.88 -23.53
CA ILE A 148 14.37 -13.03 -24.19
C ILE A 148 15.64 -13.37 -23.44
N ILE A 149 15.75 -14.62 -23.01
CA ILE A 149 16.89 -15.08 -22.22
C ILE A 149 18.05 -15.39 -23.15
N THR A 150 19.23 -14.85 -22.85
CA THR A 150 20.41 -15.14 -23.65
C THR A 150 21.59 -15.35 -22.70
N SER A 151 22.70 -15.81 -23.27
CA SER A 151 23.87 -16.03 -22.43
C SER A 151 24.44 -14.73 -21.88
N VAL A 152 24.06 -13.57 -22.42
CA VAL A 152 24.59 -12.31 -21.87
C VAL A 152 23.58 -11.56 -21.02
N GLY A 153 22.39 -12.14 -20.80
CA GLY A 153 21.42 -11.51 -19.92
C GLY A 153 20.02 -11.67 -20.47
N LYS A 154 19.03 -11.27 -19.68
CA LYS A 154 17.62 -11.29 -20.07
C LYS A 154 17.30 -9.99 -20.80
N LEU A 155 17.01 -10.07 -22.09
CA LEU A 155 16.93 -8.88 -22.92
C LEU A 155 15.47 -8.44 -23.02
N GLY A 156 15.18 -7.22 -22.55
CA GLY A 156 13.86 -6.68 -22.82
C GLY A 156 13.84 -6.02 -24.18
N LEU A 157 13.66 -6.82 -25.23
CA LEU A 157 13.77 -6.36 -26.61
C LEU A 157 12.40 -5.96 -27.16
N MET A 158 12.33 -4.74 -27.66
CA MET A 158 11.17 -4.23 -28.36
C MET A 158 11.66 -3.53 -29.62
N VAL A 159 10.75 -2.98 -30.41
CA VAL A 159 11.08 -2.45 -31.73
C VAL A 159 10.50 -1.05 -31.88
N CYS A 160 11.34 -0.11 -32.31
CA CYS A 160 10.98 1.25 -32.76
C CYS A 160 9.83 1.86 -31.96
N TRP A 161 8.65 2.00 -32.60
CA TRP A 161 7.51 2.70 -32.03
C TRP A 161 7.18 2.25 -30.61
N ASP A 162 7.49 0.99 -30.25
CA ASP A 162 7.31 0.52 -28.87
C ASP A 162 8.00 1.44 -27.86
N GLN A 163 9.05 2.13 -28.29
CA GLN A 163 9.90 2.90 -27.39
C GLN A 163 9.21 4.17 -26.89
N TRP A 164 8.04 4.51 -27.42
CA TRP A 164 7.31 5.68 -26.90
C TRP A 164 6.34 5.33 -25.78
N TYR A 165 6.29 4.05 -25.40
CA TYR A 165 5.29 3.54 -24.45
C TYR A 165 5.96 3.09 -23.15
N PRO A 166 5.85 3.86 -22.08
CA PRO A 166 6.41 3.43 -20.79
C PRO A 166 5.82 2.11 -20.32
N GLU A 167 4.57 1.82 -20.69
CA GLU A 167 3.95 0.56 -20.28
C GLU A 167 4.77 -0.63 -20.74
N ALA A 168 5.25 -0.62 -21.98
CA ALA A 168 5.96 -1.78 -22.50
C ALA A 168 7.28 -1.98 -21.76
N ALA A 169 8.04 -0.89 -21.57
CA ALA A 169 9.29 -0.99 -20.83
C ALA A 169 9.07 -1.50 -19.41
N ARG A 170 8.00 -1.02 -18.77
CA ARG A 170 7.69 -1.47 -17.40
C ARG A 170 7.39 -2.97 -17.35
N ILE A 171 6.57 -3.46 -18.28
CA ILE A 171 6.22 -4.87 -18.28
C ILE A 171 7.47 -5.73 -18.48
N MET A 172 8.37 -5.34 -19.39
CA MET A 172 9.65 -6.04 -19.54
C MET A 172 10.41 -6.05 -18.22
N ALA A 173 10.49 -4.90 -17.57
CA ALA A 173 11.23 -4.82 -16.31
C ALA A 173 10.62 -5.73 -15.26
N LEU A 174 9.28 -5.75 -15.16
CA LEU A 174 8.56 -6.61 -14.23
C LEU A 174 8.81 -8.10 -14.51
N LYS A 175 9.19 -8.45 -15.73
CA LYS A 175 9.48 -9.84 -16.07
C LYS A 175 10.96 -10.14 -16.03
N GLY A 176 11.77 -9.26 -15.43
CA GLY A 176 13.15 -9.54 -15.19
C GLY A 176 14.11 -9.13 -16.28
N ALA A 177 13.67 -8.32 -17.25
CA ALA A 177 14.62 -7.77 -18.21
C ALA A 177 15.75 -7.08 -17.48
N GLU A 178 16.97 -7.30 -17.95
CA GLU A 178 18.14 -6.65 -17.38
C GLU A 178 18.59 -5.47 -18.22
N ILE A 179 17.99 -5.28 -19.39
CA ILE A 179 18.36 -4.20 -20.28
C ILE A 179 17.20 -4.04 -21.25
N LEU A 180 16.99 -2.82 -21.73
CA LEU A 180 15.95 -2.52 -22.70
C LEU A 180 16.63 -2.20 -24.02
N ILE A 181 16.12 -2.75 -25.13
CA ILE A 181 16.77 -2.62 -26.43
C ILE A 181 15.73 -2.31 -27.49
N TYR A 182 15.98 -1.30 -28.33
CA TYR A 182 15.02 -0.86 -29.35
C TYR A 182 15.69 -0.56 -30.68
N PRO A 183 15.72 -1.52 -31.61
CA PRO A 183 16.09 -1.20 -33.00
C PRO A 183 15.03 -0.29 -33.58
N SER A 184 15.45 0.80 -34.20
CA SER A 184 14.52 1.85 -34.62
C SER A 184 14.82 2.25 -36.05
N ALA A 185 13.86 2.97 -36.64
CA ALA A 185 14.01 3.62 -37.95
C ALA A 185 13.26 4.95 -37.82
N ILE A 186 13.99 6.01 -37.48
CA ILE A 186 13.34 7.30 -37.26
C ILE A 186 14.13 8.38 -37.98
N GLY A 187 13.42 9.23 -38.71
CA GLY A 187 14.03 10.29 -39.48
C GLY A 187 13.06 11.45 -39.61
N PHE A 188 13.48 12.48 -40.32
CA PHE A 188 12.67 13.67 -40.48
C PHE A 188 12.29 13.85 -41.93
N LEU A 189 11.25 14.64 -42.15
CA LEU A 189 10.75 14.95 -43.47
C LEU A 189 11.25 16.31 -43.91
N GLU A 190 11.26 16.52 -45.24
CA GLU A 190 11.75 17.79 -45.76
C GLU A 190 10.94 18.96 -45.22
N GLU A 191 9.66 18.72 -44.88
CA GLU A 191 8.81 19.79 -44.40
C GLU A 191 9.24 20.31 -43.03
N ASP A 192 9.98 19.53 -42.25
CA ASP A 192 10.26 19.88 -40.87
C ASP A 192 11.28 21.01 -40.76
N SER A 193 11.01 21.95 -39.87
CA SER A 193 11.96 23.00 -39.55
C SER A 193 13.08 22.45 -38.68
N ASN A 194 14.16 23.22 -38.54
CA ASN A 194 15.26 22.77 -37.71
C ASN A 194 14.84 22.67 -36.25
N GLU A 195 14.02 23.61 -35.78
CA GLU A 195 13.51 23.52 -34.41
C GLU A 195 12.65 22.28 -34.23
N GLU A 196 11.78 22.00 -35.20
CA GLU A 196 10.95 20.79 -35.08
C GLU A 196 11.81 19.54 -35.15
N LYS A 197 12.80 19.52 -36.05
CA LYS A 197 13.67 18.36 -36.13
C LYS A 197 14.41 18.13 -34.82
N LYS A 198 14.97 19.21 -34.23
CA LYS A 198 15.67 19.09 -32.96
C LYS A 198 14.73 18.60 -31.86
N ARG A 199 13.49 19.11 -31.82
CA ARG A 199 12.54 18.68 -30.79
C ARG A 199 12.15 17.22 -30.96
N GLN A 200 11.95 16.78 -32.19
CA GLN A 200 11.60 15.38 -32.42
C GLN A 200 12.71 14.45 -31.92
N GLN A 201 13.96 14.71 -32.31
CA GLN A 201 15.06 13.83 -31.93
C GLN A 201 15.28 13.86 -30.43
N ASN A 202 15.17 15.04 -29.82
CA ASN A 202 15.35 15.13 -28.38
C ASN A 202 14.23 14.40 -27.63
N ALA A 203 12.99 14.48 -28.13
CA ALA A 203 11.91 13.75 -27.46
C ALA A 203 12.13 12.26 -27.55
N TRP A 204 12.61 11.78 -28.70
CA TRP A 204 12.88 10.35 -28.90
C TRP A 204 13.91 9.84 -27.91
N GLU A 205 15.00 10.58 -27.72
CA GLU A 205 16.00 10.19 -26.74
C GLU A 205 15.43 10.27 -25.34
N THR A 206 14.74 11.37 -25.06
CA THR A 206 14.34 11.70 -23.70
C THR A 206 13.39 10.65 -23.16
N ILE A 207 12.41 10.26 -23.96
CA ILE A 207 11.42 9.33 -23.44
C ILE A 207 12.09 8.01 -23.12
N GLN A 208 13.11 7.62 -23.88
CA GLN A 208 13.74 6.34 -23.63
C GLN A 208 14.61 6.40 -22.40
N ARG A 209 15.28 7.53 -22.18
CA ARG A 209 16.00 7.71 -20.92
C ARG A 209 15.07 7.56 -19.72
N GLY A 210 13.81 7.96 -19.88
CA GLY A 210 12.84 7.80 -18.81
C GLY A 210 12.50 6.35 -18.53
N HIS A 211 12.48 5.51 -19.56
CA HIS A 211 12.27 4.08 -19.34
C HIS A 211 13.41 3.51 -18.50
N ALA A 212 14.64 3.92 -18.82
CA ALA A 212 15.79 3.47 -18.06
C ALA A 212 15.69 3.90 -16.60
N ILE A 213 15.33 5.16 -16.38
CA ILE A 213 15.21 5.70 -15.02
C ILE A 213 14.09 5.00 -14.27
N ALA A 214 12.93 4.86 -14.91
CA ALA A 214 11.78 4.34 -14.19
C ALA A 214 12.01 2.90 -13.76
N ASN A 215 12.80 2.16 -14.52
CA ASN A 215 13.00 0.74 -14.27
C ASN A 215 14.40 0.42 -13.78
N GLY A 216 15.26 1.40 -13.64
CA GLY A 216 16.61 1.11 -13.14
C GLY A 216 17.37 0.18 -14.06
N LEU A 217 17.18 0.32 -15.36
CA LEU A 217 17.76 -0.58 -16.35
C LEU A 217 18.51 0.22 -17.40
N PRO A 218 19.62 -0.30 -17.89
CA PRO A 218 20.27 0.33 -19.04
C PRO A 218 19.44 0.10 -20.29
N LEU A 219 19.73 0.89 -21.33
CA LEU A 219 18.90 0.90 -22.53
C LEU A 219 19.76 1.15 -23.75
N ILE A 220 19.48 0.40 -24.83
CA ILE A 220 20.13 0.59 -26.12
C ILE A 220 19.04 1.00 -27.12
N ALA A 221 19.30 2.05 -27.89
CA ALA A 221 18.43 2.44 -28.99
C ALA A 221 19.27 2.49 -30.26
N THR A 222 18.82 1.82 -31.31
CA THR A 222 19.59 1.85 -32.55
C THR A 222 18.76 2.51 -33.63
N ASN A 223 19.43 3.00 -34.67
CA ASN A 223 18.74 3.71 -35.73
C ASN A 223 19.61 3.64 -36.98
N ARG A 224 18.98 3.80 -38.14
CA ARG A 224 19.72 3.82 -39.40
C ARG A 224 20.05 5.27 -39.76
N VAL A 225 20.84 5.43 -40.84
CA VAL A 225 21.19 6.74 -41.38
C VAL A 225 20.88 6.73 -42.88
N GLY A 226 20.95 7.91 -43.47
CA GLY A 226 20.83 8.08 -44.91
C GLY A 226 19.48 8.67 -45.30
N VAL A 227 19.45 9.29 -46.49
CA VAL A 227 18.21 9.76 -47.11
C VAL A 227 17.59 8.60 -47.87
N GLU A 228 16.29 8.38 -47.68
CA GLU A 228 15.57 7.36 -48.44
C GLU A 228 14.36 8.02 -49.08
N LEU A 229 14.27 7.91 -50.39
CA LEU A 229 13.24 8.58 -51.18
C LEU A 229 12.00 7.71 -51.31
N ASP A 230 10.86 8.36 -51.35
CA ASP A 230 9.58 7.70 -51.51
C ASP A 230 9.46 7.15 -52.93
N PRO A 231 9.42 5.83 -53.12
CA PRO A 231 9.35 5.30 -54.49
C PRO A 231 8.08 5.68 -55.23
N SER A 232 6.99 5.93 -54.51
CA SER A 232 5.77 6.39 -55.15
C SER A 232 5.82 7.86 -55.54
N GLY A 233 6.77 8.62 -54.99
CA GLY A 233 6.86 10.04 -55.27
C GLY A 233 5.92 10.91 -54.49
N ALA A 234 5.18 10.36 -53.51
CA ALA A 234 4.20 11.16 -52.77
C ALA A 234 4.89 12.14 -51.83
N ILE A 235 5.94 11.71 -51.15
CA ILE A 235 6.63 12.53 -50.15
C ILE A 235 7.90 13.05 -50.81
N LYS A 236 7.88 14.33 -51.19
CA LYS A 236 9.06 14.95 -51.76
C LYS A 236 10.15 15.05 -50.70
N GLY A 237 11.37 14.68 -51.08
CA GLY A 237 12.50 14.69 -50.18
C GLY A 237 12.65 13.47 -49.30
N GLY A 238 11.68 12.55 -49.33
CA GLY A 238 11.78 11.31 -48.58
C GLY A 238 11.99 11.52 -47.09
N ILE A 239 12.66 10.54 -46.48
CA ILE A 239 12.97 10.53 -45.05
C ILE A 239 14.48 10.56 -44.88
N THR A 240 14.97 11.47 -44.03
CA THR A 240 16.38 11.55 -43.66
C THR A 240 16.52 10.91 -42.27
N PHE A 241 17.03 9.70 -42.23
CA PHE A 241 17.20 8.99 -40.97
C PHE A 241 18.42 9.56 -40.25
N PHE A 242 18.23 10.00 -39.00
CA PHE A 242 19.24 10.83 -38.38
C PHE A 242 20.23 10.04 -37.51
N GLY A 243 20.26 8.72 -37.62
CA GLY A 243 21.15 7.91 -36.81
C GLY A 243 21.00 8.21 -35.33
N SER A 244 22.08 8.64 -34.69
CA SER A 244 22.05 9.03 -33.27
C SER A 244 21.62 7.87 -32.39
N SER A 245 22.07 6.67 -32.73
CA SER A 245 21.95 5.54 -31.80
C SER A 245 22.63 5.90 -30.48
N PHE A 246 22.13 5.34 -29.39
CA PHE A 246 22.70 5.73 -28.11
C PHE A 246 22.47 4.63 -27.08
N VAL A 247 23.22 4.72 -25.98
CA VAL A 247 23.15 3.80 -24.85
C VAL A 247 23.11 4.64 -23.58
N VAL A 248 22.17 4.34 -22.68
CA VAL A 248 22.14 5.00 -21.39
C VAL A 248 22.16 3.93 -20.30
N GLY A 249 22.62 4.33 -19.11
CA GLY A 249 22.63 3.44 -17.97
C GLY A 249 21.38 3.56 -17.15
N ALA A 250 21.38 2.85 -16.00
CA ALA A 250 20.17 2.72 -15.17
C ALA A 250 19.76 4.02 -14.48
N LEU A 251 20.58 5.06 -14.56
CA LEU A 251 20.18 6.35 -14.02
C LEU A 251 19.78 7.30 -15.14
N GLY A 252 19.64 6.79 -16.36
CA GLY A 252 19.38 7.62 -17.52
C GLY A 252 20.60 8.32 -18.09
N GLU A 253 21.79 8.08 -17.55
CA GLU A 253 22.99 8.78 -17.99
C GLU A 253 23.51 8.16 -19.28
N PHE A 254 23.99 9.01 -20.20
CA PHE A 254 24.50 8.52 -21.47
C PHE A 254 25.79 7.74 -21.26
N LEU A 255 25.87 6.53 -21.80
CA LEU A 255 27.12 5.80 -21.88
C LEU A 255 27.79 5.92 -23.24
N ALA A 256 27.00 6.07 -24.31
CA ALA A 256 27.56 6.30 -25.64
C ALA A 256 26.47 6.89 -26.51
N LYS A 257 26.88 7.72 -27.46
CA LYS A 257 25.94 8.40 -28.34
C LYS A 257 26.59 8.48 -29.71
N ALA A 258 25.85 8.14 -30.77
CA ALA A 258 26.41 8.11 -32.11
C ALA A 258 26.10 9.39 -32.87
N SER A 259 26.85 9.59 -33.96
CA SER A 259 26.62 10.68 -34.89
C SER A 259 25.39 10.38 -35.76
N ASP A 260 25.20 11.19 -36.81
CA ASP A 260 24.19 10.93 -37.82
C ASP A 260 24.78 10.34 -39.09
N LYS A 261 25.98 9.78 -39.01
CA LYS A 261 26.62 9.11 -40.13
C LYS A 261 26.79 7.63 -39.81
N GLU A 262 27.27 6.86 -40.77
CA GLU A 262 27.50 5.45 -40.50
C GLU A 262 28.44 5.30 -39.31
N GLU A 263 28.13 4.38 -38.40
CA GLU A 263 28.97 4.34 -37.21
C GLU A 263 28.85 3.00 -36.52
N ILE A 264 29.97 2.53 -35.98
CA ILE A 264 30.01 1.42 -35.04
C ILE A 264 30.04 2.03 -33.65
N LEU A 265 28.94 1.90 -32.91
CA LEU A 265 28.88 2.44 -31.56
C LEU A 265 29.14 1.33 -30.55
N TYR A 266 29.98 1.61 -29.56
CA TYR A 266 30.39 0.62 -28.57
C TYR A 266 30.13 1.15 -27.17
N ALA A 267 29.64 0.27 -26.30
CA ALA A 267 29.39 0.64 -24.90
C ALA A 267 29.54 -0.57 -24.01
N GLU A 268 30.17 -0.36 -22.86
CA GLU A 268 30.33 -1.36 -21.81
C GLU A 268 29.29 -1.09 -20.74
N ILE A 269 28.43 -2.07 -20.50
CA ILE A 269 27.26 -1.91 -19.64
C ILE A 269 27.37 -2.88 -18.47
N ASP A 270 27.37 -2.34 -17.26
CA ASP A 270 27.41 -3.15 -16.03
C ASP A 270 25.99 -3.40 -15.53
N LEU A 271 25.49 -4.62 -15.74
CA LEU A 271 24.15 -4.99 -15.29
C LEU A 271 24.03 -5.03 -13.77
N GLU A 272 25.11 -5.32 -13.07
CA GLU A 272 25.06 -5.36 -11.62
C GLU A 272 24.73 -4.00 -10.99
N ARG A 273 24.84 -2.89 -11.75
CA ARG A 273 24.48 -1.58 -11.20
C ARG A 273 23.00 -1.47 -10.87
N THR A 274 22.18 -2.32 -11.49
CA THR A 274 20.73 -2.24 -11.25
C THR A 274 20.40 -2.45 -9.77
N GLU A 275 21.16 -3.30 -9.08
CA GLU A 275 20.89 -3.53 -7.65
C GLU A 275 21.06 -2.26 -6.84
N GLU A 276 22.20 -1.58 -7.01
CA GLU A 276 22.44 -0.35 -6.24
C GLU A 276 21.47 0.76 -6.65
N VAL A 277 21.16 0.86 -7.93
CA VAL A 277 20.24 1.91 -8.38
C VAL A 277 18.86 1.71 -7.77
N ARG A 278 18.34 0.47 -7.78
CA ARG A 278 17.01 0.23 -7.23
C ARG A 278 16.98 0.33 -5.70
N ARG A 279 18.09 0.04 -5.02
CA ARG A 279 18.13 0.34 -3.59
C ARG A 279 18.01 1.85 -3.36
N MET A 280 18.62 2.64 -4.24
CA MET A 280 18.56 4.10 -4.12
C MET A 280 17.19 4.63 -4.53
N TRP A 281 16.62 4.09 -5.59
CA TRP A 281 15.35 4.56 -6.16
C TRP A 281 14.41 3.35 -6.25
N PRO A 282 13.74 3.02 -5.14
CA PRO A 282 12.94 1.79 -5.09
C PRO A 282 11.53 1.97 -5.68
N PHE A 283 11.47 2.39 -6.94
CA PHE A 283 10.19 2.64 -7.59
C PHE A 283 9.34 1.37 -7.63
N LEU A 284 9.95 0.21 -7.84
CA LEU A 284 9.13 -0.99 -7.97
C LEU A 284 8.44 -1.33 -6.66
N ARG A 285 9.10 -1.08 -5.52
CA ARG A 285 8.51 -1.32 -4.22
C ARG A 285 7.26 -0.46 -4.00
N ASP A 286 7.26 0.75 -4.54
CA ASP A 286 6.24 1.73 -4.20
C ASP A 286 5.14 1.87 -5.24
N ARG A 287 5.24 1.18 -6.38
CA ARG A 287 4.20 1.29 -7.40
C ARG A 287 2.84 1.00 -6.79
N ARG A 288 1.86 1.86 -7.07
CA ARG A 288 0.50 1.68 -6.52
C ARG A 288 -0.34 0.80 -7.45
N ILE A 289 0.06 -0.46 -7.56
CA ILE A 289 -0.60 -1.36 -8.48
C ILE A 289 -2.07 -1.54 -8.13
N ASP A 290 -2.47 -1.27 -6.88
CA ASP A 290 -3.88 -1.34 -6.53
C ASP A 290 -4.71 -0.23 -7.19
N PHE A 291 -4.08 0.78 -7.78
CA PHE A 291 -4.79 1.85 -8.50
C PHE A 291 -4.29 2.01 -9.93
N TYR A 292 -3.76 0.95 -10.54
CA TYR A 292 -3.29 1.04 -11.92
C TYR A 292 -4.28 0.46 -12.93
N ASN A 293 -5.42 -0.01 -12.46
CA ASN A 293 -6.39 -0.69 -13.33
C ASN A 293 -6.81 0.18 -14.51
N ASP A 294 -6.88 1.50 -14.33
CA ASP A 294 -7.32 2.33 -15.45
C ASP A 294 -6.36 2.35 -16.62
N LEU A 295 -5.14 1.85 -16.47
CA LEU A 295 -4.24 1.74 -17.60
C LEU A 295 -4.77 0.82 -18.67
N LEU A 296 -5.73 -0.04 -18.32
CA LEU A 296 -6.27 -0.98 -19.28
C LEU A 296 -7.33 -0.37 -20.19
N LYS A 297 -7.64 0.91 -20.03
CA LYS A 297 -8.70 1.57 -20.81
C LYS A 297 -8.08 2.37 -21.94
N ARG A 298 -8.83 2.47 -23.04
CA ARG A 298 -8.41 3.30 -24.16
C ARG A 298 -8.44 4.77 -23.76
N TYR A 299 -9.45 5.16 -22.99
CA TYR A 299 -9.67 6.54 -22.57
C TYR A 299 -10.81 6.49 -21.57
N ILE A 300 -10.88 7.50 -20.72
CA ILE A 300 -11.85 7.52 -19.63
C ILE A 300 -12.48 8.90 -19.52
N HIS B 8 -7.27 28.41 -25.35
CA HIS B 8 -7.06 27.95 -23.98
C HIS B 8 -5.58 28.09 -23.58
N MET B 9 -5.31 29.10 -22.76
CA MET B 9 -3.97 29.41 -22.29
C MET B 9 -3.89 29.28 -20.77
N ILE B 10 -2.77 28.77 -20.29
CA ILE B 10 -2.45 28.78 -18.87
C ILE B 10 -1.22 29.66 -18.70
N TYR B 11 -1.36 30.73 -17.93
CA TYR B 11 -0.26 31.62 -17.60
C TYR B 11 0.16 31.23 -16.19
N ALA B 12 1.21 30.44 -16.09
CA ALA B 12 1.55 29.75 -14.86
C ALA B 12 2.62 30.52 -14.10
N GLY B 13 2.43 30.62 -12.79
CA GLY B 13 3.44 31.18 -11.90
C GLY B 13 3.80 30.14 -10.86
N VAL B 14 5.10 29.98 -10.62
CA VAL B 14 5.63 29.03 -9.65
C VAL B 14 6.34 29.82 -8.57
N LEU B 15 5.97 29.59 -7.32
CA LEU B 15 6.57 30.30 -6.19
C LEU B 15 7.54 29.31 -5.52
N GLN B 16 8.82 29.49 -5.80
CA GLN B 16 9.90 28.65 -5.29
C GLN B 16 10.66 29.41 -4.21
N HIS B 17 10.63 28.91 -2.98
CA HIS B 17 11.26 29.65 -1.89
C HIS B 17 11.66 28.69 -0.79
N ALA B 18 12.30 29.24 0.24
CA ALA B 18 12.70 28.44 1.38
C ALA B 18 11.63 28.47 2.47
N TYR B 19 11.72 27.50 3.37
CA TYR B 19 10.97 27.54 4.62
C TYR B 19 11.52 28.67 5.49
N CYS B 20 10.63 29.44 6.13
CA CYS B 20 11.08 30.67 6.79
C CYS B 20 11.22 30.54 8.30
N GLY B 21 11.22 29.31 8.84
CA GLY B 21 11.47 29.09 10.25
C GLY B 21 10.24 28.88 11.10
N SER B 22 9.07 29.30 10.64
CA SER B 22 7.81 29.03 11.32
C SER B 22 6.75 28.93 10.23
N ARG B 23 5.62 28.30 10.57
CA ARG B 23 4.50 28.25 9.65
C ARG B 23 4.01 29.66 9.32
N LYS B 24 3.83 30.50 10.33
CA LYS B 24 3.27 31.83 10.10
C LYS B 24 4.15 32.65 9.17
N LYS B 25 5.46 32.70 9.45
CA LYS B 25 6.36 33.46 8.59
C LYS B 25 6.39 32.88 7.18
N THR B 26 6.35 31.55 7.05
CA THR B 26 6.48 30.96 5.72
C THR B 26 5.25 31.28 4.87
N ILE B 27 4.05 31.10 5.42
CA ILE B 27 2.86 31.36 4.61
C ILE B 27 2.73 32.84 4.29
N GLU B 28 3.14 33.73 5.22
CA GLU B 28 3.15 35.16 4.92
C GLU B 28 4.14 35.48 3.81
N HIS B 29 5.31 34.83 3.82
CA HIS B 29 6.26 35.00 2.73
C HIS B 29 5.67 34.56 1.39
N THR B 30 5.01 33.39 1.38
CA THR B 30 4.36 32.95 0.14
C THR B 30 3.32 33.96 -0.34
N ALA B 31 2.55 34.51 0.59
CA ALA B 31 1.56 35.53 0.23
C ALA B 31 2.23 36.75 -0.38
N ASN B 32 3.38 37.16 0.14
CA ASN B 32 4.08 38.30 -0.45
C ASN B 32 4.56 37.97 -1.86
N LEU B 33 5.13 36.78 -2.05
CA LEU B 33 5.59 36.37 -3.38
C LEU B 33 4.45 36.23 -4.37
N LEU B 34 3.28 35.78 -3.92
CA LEU B 34 2.12 35.72 -4.82
C LEU B 34 1.77 37.12 -5.32
N GLU B 35 1.75 38.10 -4.41
CA GLU B 35 1.44 39.47 -4.78
C GLU B 35 2.49 40.02 -5.75
N GLN B 36 3.76 39.82 -5.43
CA GLN B 36 4.83 40.22 -6.34
C GLN B 36 4.68 39.54 -7.70
N ALA B 37 4.34 38.24 -7.70
CA ALA B 37 4.22 37.50 -8.94
C ALA B 37 3.14 38.08 -9.84
N LEU B 38 2.01 38.48 -9.25
CA LEU B 38 0.91 39.02 -10.05
C LEU B 38 1.15 40.43 -10.55
N LYS B 39 1.99 41.22 -9.86
CA LYS B 39 2.39 42.50 -10.40
C LYS B 39 3.40 42.33 -11.53
N LYS B 40 4.36 41.41 -11.35
CA LYS B 40 5.38 41.17 -12.37
C LYS B 40 4.78 40.51 -13.60
N HIS B 41 3.82 39.60 -13.41
CA HIS B 41 3.17 38.87 -14.50
C HIS B 41 1.65 38.97 -14.36
N PRO B 42 1.05 40.08 -14.80
CA PRO B 42 -0.39 40.28 -14.54
C PRO B 42 -1.33 39.29 -15.22
N LYS B 43 -0.91 38.56 -16.26
CA LYS B 43 -1.85 37.64 -16.88
C LYS B 43 -2.00 36.34 -16.11
N THR B 44 -1.17 36.10 -15.11
CA THR B 44 -1.11 34.84 -14.40
C THR B 44 -2.49 34.38 -13.96
N ASN B 45 -2.88 33.18 -14.36
CA ASN B 45 -4.15 32.58 -13.95
C ASN B 45 -3.97 31.28 -13.16
N LEU B 46 -2.74 30.79 -13.02
CA LEU B 46 -2.47 29.58 -12.23
C LEU B 46 -1.18 29.79 -11.48
N VAL B 47 -1.22 29.60 -10.17
CA VAL B 47 -0.06 29.68 -9.31
C VAL B 47 0.11 28.33 -8.62
N VAL B 48 1.30 27.77 -8.70
CA VAL B 48 1.60 26.48 -8.08
C VAL B 48 2.66 26.67 -7.00
N LEU B 49 2.39 26.15 -5.82
CA LEU B 49 3.32 26.25 -4.72
C LEU B 49 4.20 24.98 -4.65
N GLN B 50 5.23 25.01 -3.78
CA GLN B 50 6.08 23.85 -3.59
C GLN B 50 5.40 22.84 -2.65
N GLU B 51 5.90 21.61 -2.64
CA GLU B 51 5.32 20.61 -1.75
C GLU B 51 5.43 21.06 -0.28
N LEU B 52 4.38 20.75 0.50
CA LEU B 52 4.31 21.07 1.93
C LEU B 52 4.73 22.51 2.19
N ASN B 53 4.16 23.42 1.39
CA ASN B 53 4.70 24.78 1.34
C ASN B 53 4.67 25.55 2.66
N PRO B 54 3.77 25.32 3.62
CA PRO B 54 3.89 26.05 4.89
C PRO B 54 4.98 25.54 5.81
N TYR B 55 5.56 24.36 5.58
CA TYR B 55 6.30 23.66 6.62
C TYR B 55 7.73 23.39 6.23
N SER B 56 8.55 23.05 7.23
CA SER B 56 9.81 22.43 6.85
C SER B 56 9.51 21.07 6.24
N TYR B 57 10.50 20.51 5.55
CA TYR B 57 10.34 19.12 5.10
C TYR B 57 10.57 18.26 6.32
N PHE B 58 9.50 18.08 7.11
CA PHE B 58 9.66 17.43 8.40
C PHE B 58 9.86 15.92 8.30
N CYS B 59 9.82 15.35 7.10
CA CYS B 59 10.09 13.92 6.98
C CYS B 59 11.58 13.59 7.02
N GLN B 60 12.43 14.58 7.29
CA GLN B 60 13.87 14.28 7.39
C GLN B 60 14.15 13.29 8.51
N SER B 61 13.30 13.27 9.54
CA SER B 61 13.39 12.32 10.63
C SER B 61 12.00 11.72 10.86
N GLU B 62 11.97 10.63 11.61
CA GLU B 62 10.74 9.93 11.92
C GLU B 62 10.41 10.27 13.37
N ASN B 63 9.48 11.21 13.56
CA ASN B 63 9.19 11.73 14.89
C ASN B 63 7.71 12.07 14.97
N PRO B 64 6.95 11.37 15.81
CA PRO B 64 5.50 11.57 15.86
C PRO B 64 5.08 12.96 16.31
N LYS B 65 5.97 13.77 16.89
CA LYS B 65 5.57 15.12 17.28
C LYS B 65 5.12 15.93 16.07
N PHE B 66 5.66 15.63 14.88
CA PHE B 66 5.32 16.39 13.68
C PHE B 66 3.88 16.20 13.23
N PHE B 67 3.18 15.19 13.74
CA PHE B 67 1.76 15.09 13.46
C PHE B 67 0.98 16.26 14.04
N ASP B 68 1.55 16.97 15.02
CA ASP B 68 0.91 18.19 15.51
C ASP B 68 0.71 19.20 14.39
N LEU B 69 1.57 19.17 13.36
CA LEU B 69 1.41 20.08 12.23
C LEU B 69 0.15 19.78 11.44
N GLY B 70 -0.42 18.57 11.57
CA GLY B 70 -1.67 18.22 10.94
C GLY B 70 -2.87 19.01 11.44
N GLU B 71 -2.73 19.70 12.56
CA GLU B 71 -3.86 20.44 13.12
C GLU B 71 -4.16 21.73 12.37
N TYR B 72 -3.33 22.12 11.41
CA TYR B 72 -3.47 23.38 10.70
C TYR B 72 -4.22 23.28 9.38
N PHE B 73 -4.68 22.08 9.01
CA PHE B 73 -5.17 21.87 7.64
C PHE B 73 -6.28 22.85 7.27
N GLU B 74 -7.28 22.99 8.14
CA GLU B 74 -8.40 23.89 7.86
C GLU B 74 -7.96 25.36 7.85
N GLU B 75 -7.07 25.74 8.78
CA GLU B 75 -6.55 27.10 8.77
C GLU B 75 -5.70 27.38 7.52
N ASP B 76 -4.89 26.40 7.10
CA ASP B 76 -4.11 26.55 5.87
C ASP B 76 -5.03 26.72 4.67
N LYS B 77 -6.08 25.91 4.58
CA LYS B 77 -7.00 26.04 3.46
C LYS B 77 -7.68 27.41 3.47
N ALA B 78 -8.09 27.89 4.66
CA ALA B 78 -8.69 29.22 4.74
C ALA B 78 -7.70 30.29 4.30
N PHE B 79 -6.43 30.15 4.70
CA PHE B 79 -5.42 31.13 4.32
C PHE B 79 -5.23 31.15 2.82
N PHE B 80 -5.03 29.98 2.20
CA PHE B 80 -4.74 29.97 0.77
C PHE B 80 -6.01 30.13 -0.07
N SER B 81 -7.17 29.73 0.46
CA SER B 81 -8.43 30.12 -0.16
C SER B 81 -8.56 31.64 -0.28
N ALA B 82 -8.26 32.37 0.79
CA ALA B 82 -8.38 33.83 0.75
C ALA B 82 -7.39 34.42 -0.24
N LEU B 83 -6.18 33.86 -0.31
CA LEU B 83 -5.20 34.35 -1.26
C LEU B 83 -5.70 34.19 -2.69
N ALA B 84 -6.20 33.00 -3.02
CA ALA B 84 -6.69 32.75 -4.38
C ALA B 84 -7.81 33.72 -4.73
N GLN B 85 -8.76 33.93 -3.83
CA GLN B 85 -9.84 34.86 -4.19
C GLN B 85 -9.32 36.28 -4.31
N LYS B 86 -8.42 36.68 -3.40
CA LYS B 86 -7.95 38.07 -3.38
C LYS B 86 -7.27 38.42 -4.71
N PHE B 87 -6.46 37.51 -5.23
CA PHE B 87 -5.75 37.75 -6.46
C PHE B 87 -6.43 37.13 -7.66
N GLN B 88 -7.57 36.46 -7.46
CA GLN B 88 -8.38 35.88 -8.53
C GLN B 88 -7.54 34.98 -9.45
N VAL B 89 -6.86 34.02 -8.84
CA VAL B 89 -6.11 33.02 -9.58
C VAL B 89 -6.49 31.66 -9.05
N VAL B 90 -6.36 30.66 -9.92
CA VAL B 90 -6.36 29.29 -9.43
C VAL B 90 -5.04 29.05 -8.72
N LEU B 91 -5.12 28.48 -7.53
CA LEU B 91 -3.95 28.36 -6.67
C LEU B 91 -3.84 26.94 -6.19
N ILE B 92 -2.65 26.36 -6.28
CA ILE B 92 -2.44 24.98 -5.87
C ILE B 92 -1.55 25.00 -4.65
N ALA B 93 -2.09 24.63 -3.49
CA ALA B 93 -1.29 24.51 -2.28
C ALA B 93 -1.05 23.04 -1.99
N SER B 94 0.06 22.76 -1.30
CA SER B 94 0.45 21.41 -0.94
C SER B 94 0.46 21.34 0.59
N LEU B 95 -0.54 20.67 1.16
CA LEU B 95 -0.86 20.74 2.58
C LEU B 95 -0.74 19.39 3.25
N PHE B 96 -1.03 19.37 4.55
CA PHE B 96 -0.82 18.23 5.44
C PHE B 96 -2.18 17.91 6.02
N GLU B 97 -2.88 16.95 5.43
CA GLU B 97 -4.28 16.71 5.78
C GLU B 97 -4.40 15.75 6.95
N LYS B 98 -5.17 16.14 7.97
CA LYS B 98 -5.53 15.21 9.04
C LYS B 98 -6.87 14.58 8.66
N ARG B 99 -6.83 13.31 8.25
CA ARG B 99 -8.04 12.61 7.85
C ARG B 99 -8.87 12.20 9.05
N ALA B 100 -8.21 11.82 10.14
CA ALA B 100 -8.86 11.37 11.35
C ALA B 100 -7.79 11.34 12.42
N LYS B 101 -8.19 11.07 13.66
CA LYS B 101 -7.20 10.90 14.71
C LYS B 101 -6.21 9.82 14.28
N GLY B 102 -4.93 10.17 14.27
CA GLY B 102 -3.87 9.24 13.88
C GLY B 102 -3.80 8.90 12.42
N LEU B 103 -4.51 9.64 11.55
CA LEU B 103 -4.60 9.28 10.15
C LEU B 103 -4.41 10.54 9.31
N TYR B 104 -3.36 10.57 8.50
CA TYR B 104 -2.94 11.77 7.79
C TYR B 104 -2.59 11.46 6.35
N HIS B 105 -2.69 12.48 5.49
CA HIS B 105 -2.29 12.39 4.10
C HIS B 105 -1.42 13.60 3.69
N ASN B 106 -0.60 13.39 2.67
CA ASN B 106 0.07 14.48 1.96
C ASN B 106 -0.91 14.91 0.86
N SER B 107 -1.55 16.06 1.04
CA SER B 107 -2.72 16.42 0.24
C SER B 107 -2.54 17.78 -0.41
N ALA B 108 -2.54 17.81 -1.75
CA ALA B 108 -2.54 19.06 -2.50
C ALA B 108 -3.97 19.54 -2.71
N VAL B 109 -4.19 20.84 -2.52
CA VAL B 109 -5.52 21.43 -2.56
C VAL B 109 -5.52 22.51 -3.64
N VAL B 110 -6.55 22.50 -4.49
CA VAL B 110 -6.66 23.43 -5.60
C VAL B 110 -7.77 24.41 -5.27
N PHE B 111 -7.45 25.70 -5.27
CA PHE B 111 -8.43 26.73 -5.02
C PHE B 111 -8.81 27.38 -6.34
N GLU B 112 -10.11 27.46 -6.60
CA GLU B 112 -10.64 28.21 -7.72
C GLU B 112 -10.43 29.71 -7.47
N LYS B 113 -10.58 30.52 -8.53
CA LYS B 113 -10.32 31.95 -8.40
C LYS B 113 -11.30 32.68 -7.47
N ASP B 114 -12.44 32.08 -7.14
CA ASP B 114 -13.33 32.66 -6.14
C ASP B 114 -13.05 32.14 -4.73
N GLY B 115 -11.96 31.41 -4.54
CA GLY B 115 -11.63 30.84 -3.25
C GLY B 115 -12.25 29.48 -2.96
N SER B 116 -13.18 29.01 -3.78
CA SER B 116 -13.78 27.70 -3.54
C SER B 116 -12.77 26.60 -3.84
N ILE B 117 -12.95 25.45 -3.20
CA ILE B 117 -12.01 24.36 -3.37
C ILE B 117 -12.44 23.57 -4.60
N ALA B 118 -11.60 23.59 -5.64
CA ALA B 118 -11.90 22.82 -6.85
C ALA B 118 -11.70 21.34 -6.64
N GLY B 119 -10.74 20.95 -5.81
CA GLY B 119 -10.48 19.55 -5.60
C GLY B 119 -9.29 19.34 -4.70
N VAL B 120 -9.10 18.08 -4.32
CA VAL B 120 -8.05 17.62 -3.43
C VAL B 120 -7.42 16.37 -4.02
N TYR B 121 -6.10 16.31 -3.97
CA TYR B 121 -5.39 15.11 -4.39
C TYR B 121 -4.53 14.63 -3.23
N ARG B 122 -4.67 13.36 -2.88
CA ARG B 122 -3.85 12.75 -1.84
C ARG B 122 -2.68 12.03 -2.49
N LYS B 123 -1.45 12.41 -2.12
CA LYS B 123 -0.27 11.74 -2.65
C LYS B 123 -0.44 10.22 -2.63
N MET B 124 -0.16 9.58 -3.77
CA MET B 124 -0.41 8.16 -3.95
C MET B 124 0.82 7.31 -3.68
N HIS B 125 1.96 7.67 -4.24
CA HIS B 125 3.19 6.94 -4.05
C HIS B 125 3.95 7.62 -2.91
N ILE B 126 4.25 6.89 -1.85
CA ILE B 126 4.85 7.47 -0.65
C ILE B 126 6.28 6.93 -0.54
N PRO B 127 7.29 7.79 -0.52
CA PRO B 127 8.67 7.29 -0.45
C PRO B 127 9.06 6.92 0.97
N ASP B 128 10.21 6.27 1.08
CA ASP B 128 10.75 5.88 2.38
C ASP B 128 12.25 5.62 2.19
N ASP B 129 13.04 6.63 2.51
CA ASP B 129 14.50 6.53 2.55
CA ASP B 129 14.51 6.53 2.54
C ASP B 129 14.99 7.32 3.74
N PRO B 130 16.22 7.05 4.23
CA PRO B 130 16.79 7.92 5.27
C PRO B 130 16.74 9.38 4.84
N GLY B 131 16.14 10.21 5.68
CA GLY B 131 15.93 11.61 5.38
C GLY B 131 14.65 11.90 4.62
N PHE B 132 13.95 10.87 4.18
CA PHE B 132 12.69 11.05 3.50
C PHE B 132 11.72 9.97 4.00
N TYR B 133 11.47 9.98 5.32
CA TYR B 133 10.66 8.97 5.99
C TYR B 133 9.16 9.24 5.83
N GLU B 134 8.72 9.34 4.59
CA GLU B 134 7.34 9.78 4.38
C GLU B 134 6.32 8.71 4.71
N LYS B 135 6.67 7.42 4.55
CA LYS B 135 5.71 6.35 4.83
C LYS B 135 5.29 6.32 6.31
N PHE B 136 6.09 6.88 7.20
CA PHE B 136 5.68 6.93 8.60
C PHE B 136 4.53 7.93 8.80
N TYR B 137 4.53 9.02 8.03
CA TYR B 137 3.56 10.09 8.26
C TYR B 137 2.33 9.99 7.37
N PHE B 138 2.50 9.67 6.09
CA PHE B 138 1.44 9.84 5.09
C PHE B 138 0.83 8.48 4.76
N THR B 139 -0.43 8.34 5.08
CA THR B 139 -1.18 7.23 4.57
C THR B 139 -1.28 7.38 3.06
N PRO B 140 -0.99 6.32 2.28
CA PRO B 140 -1.07 6.45 0.82
C PRO B 140 -2.48 6.86 0.42
N GLY B 141 -2.56 7.70 -0.61
CA GLY B 141 -3.86 8.20 -1.04
C GLY B 141 -4.79 7.08 -1.43
N ASP B 142 -6.09 7.33 -1.24
CA ASP B 142 -7.08 6.31 -1.53
C ASP B 142 -8.10 6.73 -2.57
N LEU B 143 -8.00 7.94 -3.11
CA LEU B 143 -8.89 8.40 -4.15
C LEU B 143 -8.41 8.01 -5.55
N GLY B 144 -7.15 7.66 -5.69
CA GLY B 144 -6.61 7.30 -6.98
C GLY B 144 -6.14 8.52 -7.74
N PHE B 145 -5.98 8.33 -9.04
CA PHE B 145 -5.42 9.34 -9.92
C PHE B 145 -6.58 9.99 -10.68
N GLU B 146 -7.11 11.08 -10.11
CA GLU B 146 -8.24 11.79 -10.68
C GLU B 146 -7.87 13.24 -10.94
N PRO B 147 -8.03 13.74 -12.16
CA PRO B 147 -7.77 15.16 -12.42
C PRO B 147 -8.80 16.03 -11.73
N ILE B 148 -8.42 17.29 -11.55
CA ILE B 148 -9.25 18.29 -10.87
C ILE B 148 -9.62 19.35 -11.89
N ILE B 149 -10.92 19.57 -12.05
CA ILE B 149 -11.44 20.53 -13.02
C ILE B 149 -11.39 21.93 -12.42
N THR B 150 -10.82 22.87 -13.17
CA THR B 150 -10.73 24.25 -12.73
C THR B 150 -11.06 25.14 -13.91
N SER B 151 -11.20 26.43 -13.64
CA SER B 151 -11.53 27.37 -14.70
C SER B 151 -10.41 27.51 -15.72
N VAL B 152 -9.19 27.09 -15.40
CA VAL B 152 -8.09 27.19 -16.36
C VAL B 152 -7.78 25.88 -17.04
N GLY B 153 -8.52 24.82 -16.70
CA GLY B 153 -8.37 23.54 -17.35
C GLY B 153 -8.47 22.38 -16.38
N LYS B 154 -8.50 21.18 -16.92
CA LYS B 154 -8.56 19.97 -16.11
C LYS B 154 -7.13 19.63 -15.69
N LEU B 155 -6.85 19.71 -14.40
CA LEU B 155 -5.49 19.63 -13.90
C LEU B 155 -5.17 18.20 -13.47
N GLY B 156 -4.14 17.62 -14.09
CA GLY B 156 -3.59 16.36 -13.62
C GLY B 156 -2.60 16.62 -12.50
N LEU B 157 -3.11 16.82 -11.30
CA LEU B 157 -2.29 17.23 -10.16
C LEU B 157 -1.85 16.01 -9.36
N MET B 158 -0.55 15.89 -9.17
CA MET B 158 0.04 14.88 -8.30
C MET B 158 1.12 15.55 -7.45
N VAL B 159 1.78 14.77 -6.62
CA VAL B 159 2.69 15.33 -5.63
C VAL B 159 4.00 14.57 -5.67
N CYS B 160 5.11 15.31 -5.75
CA CYS B 160 6.49 14.84 -5.55
C CYS B 160 6.74 13.43 -6.09
N TRP B 161 6.92 12.45 -5.19
CA TRP B 161 7.35 11.11 -5.56
C TRP B 161 6.49 10.50 -6.67
N ASP B 162 5.22 10.93 -6.77
CA ASP B 162 4.35 10.51 -7.87
C ASP B 162 5.00 10.74 -9.23
N GLN B 163 5.90 11.73 -9.34
CA GLN B 163 6.46 12.16 -10.62
C GLN B 163 7.43 11.15 -11.21
N TRP B 164 7.82 10.11 -10.47
CA TRP B 164 8.69 9.07 -11.00
C TRP B 164 7.92 7.91 -11.64
N TYR B 165 6.58 7.96 -11.64
CA TYR B 165 5.74 6.85 -12.09
C TYR B 165 5.01 7.20 -13.38
N PRO B 166 5.46 6.68 -14.52
CA PRO B 166 4.73 6.91 -15.78
C PRO B 166 3.27 6.51 -15.71
N GLU B 167 2.96 5.48 -14.92
CA GLU B 167 1.58 5.02 -14.80
C GLU B 167 0.66 6.13 -14.32
N ALA B 168 1.10 6.92 -13.33
CA ALA B 168 0.25 7.97 -12.76
C ALA B 168 -0.08 9.04 -13.78
N ALA B 169 0.94 9.54 -14.49
CA ALA B 169 0.70 10.53 -15.55
C ALA B 169 -0.23 9.99 -16.62
N ARG B 170 -0.05 8.73 -17.01
CA ARG B 170 -0.89 8.17 -18.06
C ARG B 170 -2.35 8.12 -17.63
N ILE B 171 -2.61 7.66 -16.40
CA ILE B 171 -3.99 7.59 -15.93
C ILE B 171 -4.64 8.98 -15.90
N MET B 172 -3.90 10.00 -15.43
CA MET B 172 -4.42 11.37 -15.49
C MET B 172 -4.75 11.75 -16.92
N ALA B 173 -3.85 11.44 -17.86
CA ALA B 173 -4.08 11.79 -19.24
C ALA B 173 -5.31 11.09 -19.80
N LEU B 174 -5.49 9.81 -19.45
CA LEU B 174 -6.65 9.04 -19.89
C LEU B 174 -7.95 9.61 -19.33
N LYS B 175 -7.88 10.35 -18.23
CA LYS B 175 -9.07 10.94 -17.62
C LYS B 175 -9.24 12.39 -18.03
N GLY B 176 -8.55 12.81 -19.06
CA GLY B 176 -8.77 14.12 -19.64
C GLY B 176 -7.93 15.24 -19.08
N ALA B 177 -6.90 14.95 -18.27
CA ALA B 177 -6.02 16.01 -17.81
C ALA B 177 -5.45 16.77 -19.01
N GLU B 178 -5.40 18.10 -18.87
CA GLU B 178 -4.84 18.95 -19.91
C GLU B 178 -3.42 19.40 -19.57
N ILE B 179 -2.96 19.10 -18.36
CA ILE B 179 -1.63 19.51 -17.92
C ILE B 179 -1.31 18.62 -16.73
N LEU B 180 -0.02 18.35 -16.53
CA LEU B 180 0.46 17.57 -15.40
C LEU B 180 1.21 18.51 -14.47
N ILE B 181 0.97 18.38 -13.15
CA ILE B 181 1.53 19.30 -12.17
C ILE B 181 2.01 18.53 -10.95
N TYR B 182 3.24 18.83 -10.50
CA TYR B 182 3.84 18.11 -9.37
C TYR B 182 4.57 19.06 -8.45
N PRO B 183 3.92 19.54 -7.38
CA PRO B 183 4.68 20.21 -6.31
C PRO B 183 5.61 19.19 -5.67
N SER B 184 6.86 19.57 -5.47
CA SER B 184 7.89 18.62 -5.05
C SER B 184 8.72 19.19 -3.90
N ALA B 185 9.48 18.29 -3.27
CA ALA B 185 10.47 18.64 -2.25
C ALA B 185 11.64 17.68 -2.48
N ILE B 186 12.64 18.12 -3.23
CA ILE B 186 13.75 17.24 -3.59
C ILE B 186 15.04 17.99 -3.43
N GLY B 187 16.00 17.37 -2.75
CA GLY B 187 17.28 17.98 -2.50
C GLY B 187 18.34 16.91 -2.36
N PHE B 188 19.56 17.36 -2.11
CA PHE B 188 20.70 16.48 -2.02
C PHE B 188 21.29 16.52 -0.61
N LEU B 189 22.04 15.48 -0.27
CA LEU B 189 22.70 15.36 1.02
C LEU B 189 24.15 15.78 0.90
N GLU B 190 24.76 16.15 2.03
CA GLU B 190 26.14 16.61 2.04
C GLU B 190 27.07 15.53 1.49
N GLU B 191 26.69 14.26 1.62
CA GLU B 191 27.51 13.16 1.14
C GLU B 191 27.59 13.09 -0.38
N ASP B 192 26.65 13.70 -1.10
CA ASP B 192 26.58 13.52 -2.54
C ASP B 192 27.67 14.29 -3.29
N SER B 193 28.26 13.62 -4.27
CA SER B 193 29.25 14.22 -5.17
C SER B 193 28.57 15.10 -6.21
N ASN B 194 29.39 15.90 -6.90
CA ASN B 194 28.85 16.78 -7.94
C ASN B 194 28.24 15.96 -9.06
N GLU B 195 28.88 14.85 -9.41
CA GLU B 195 28.36 13.98 -10.46
C GLU B 195 27.02 13.40 -10.07
N GLU B 196 26.88 12.95 -8.81
CA GLU B 196 25.61 12.38 -8.36
C GLU B 196 24.51 13.44 -8.32
N LYS B 197 24.82 14.64 -7.83
CA LYS B 197 23.81 15.69 -7.79
C LYS B 197 23.31 16.03 -9.19
N LYS B 198 24.23 16.19 -10.14
CA LYS B 198 23.82 16.49 -11.50
C LYS B 198 22.96 15.38 -12.06
N ARG B 199 23.36 14.12 -11.82
CA ARG B 199 22.57 12.98 -12.31
C ARG B 199 21.21 12.87 -11.63
N GLN B 200 21.15 13.13 -10.33
CA GLN B 200 19.86 13.13 -9.62
C GLN B 200 18.92 14.18 -10.21
N GLN B 201 19.39 15.42 -10.35
CA GLN B 201 18.54 16.48 -10.86
C GLN B 201 18.19 16.26 -12.32
N ASN B 202 19.15 15.80 -13.12
CA ASN B 202 18.83 15.59 -14.52
C ASN B 202 17.81 14.46 -14.70
N ALA B 203 17.94 13.39 -13.91
CA ALA B 203 16.97 12.31 -13.98
C ALA B 203 15.58 12.77 -13.53
N TRP B 204 15.52 13.61 -12.49
CA TRP B 204 14.25 14.17 -12.02
C TRP B 204 13.58 14.98 -13.12
N GLU B 205 14.36 15.77 -13.87
CA GLU B 205 13.82 16.51 -14.99
C GLU B 205 13.40 15.56 -16.11
N THR B 206 14.27 14.58 -16.42
CA THR B 206 14.10 13.74 -17.59
C THR B 206 12.85 12.88 -17.50
N ILE B 207 12.62 12.26 -16.34
CA ILE B 207 11.48 11.35 -16.21
C ILE B 207 10.19 12.13 -16.43
N GLN B 208 10.16 13.38 -15.97
CA GLN B 208 8.93 14.17 -16.11
C GLN B 208 8.75 14.65 -17.53
N ARG B 209 9.83 15.01 -18.20
CA ARG B 209 9.72 15.33 -19.62
C ARG B 209 9.15 14.17 -20.41
N GLY B 210 9.43 12.93 -19.98
CA GLY B 210 8.84 11.77 -20.63
C GLY B 210 7.35 11.66 -20.41
N HIS B 211 6.86 12.04 -19.22
CA HIS B 211 5.42 12.07 -19.00
C HIS B 211 4.75 13.03 -19.96
N ALA B 212 5.34 14.20 -20.14
CA ALA B 212 4.79 15.17 -21.10
C ALA B 212 4.77 14.60 -22.52
N ILE B 213 5.87 13.98 -22.95
CA ILE B 213 5.97 13.44 -24.31
C ILE B 213 4.98 12.28 -24.49
N ALA B 214 4.94 11.37 -23.52
CA ALA B 214 4.12 10.17 -23.67
C ALA B 214 2.65 10.52 -23.81
N ASN B 215 2.21 11.61 -23.18
CA ASN B 215 0.81 11.96 -23.12
C ASN B 215 0.47 13.20 -23.91
N GLY B 216 1.43 13.82 -24.56
CA GLY B 216 1.17 15.03 -25.29
C GLY B 216 0.62 16.15 -24.44
N LEU B 217 1.11 16.26 -23.21
CA LEU B 217 0.62 17.24 -22.25
C LEU B 217 1.76 18.09 -21.73
N PRO B 218 1.54 19.39 -21.50
CA PRO B 218 2.54 20.19 -20.79
C PRO B 218 2.60 19.79 -19.32
N LEU B 219 3.67 20.20 -18.65
CA LEU B 219 3.95 19.73 -17.29
C LEU B 219 4.64 20.83 -16.50
N ILE B 220 4.24 20.99 -15.24
CA ILE B 220 4.85 21.92 -14.29
C ILE B 220 5.38 21.11 -13.13
N ALA B 221 6.65 21.34 -12.77
CA ALA B 221 7.25 20.77 -11.58
C ALA B 221 7.78 21.88 -10.70
N THR B 222 7.40 21.90 -9.43
CA THR B 222 7.86 22.91 -8.49
C THR B 222 8.68 22.25 -7.40
N ASN B 223 9.51 23.06 -6.75
CA ASN B 223 10.44 22.57 -5.74
C ASN B 223 10.80 23.74 -4.83
N ARG B 224 11.21 23.42 -3.60
CA ARG B 224 11.67 24.43 -2.67
C ARG B 224 13.18 24.59 -2.78
N VAL B 225 13.72 25.57 -2.07
CA VAL B 225 15.15 25.81 -1.99
C VAL B 225 15.56 25.92 -0.52
N GLY B 226 16.86 25.92 -0.29
CA GLY B 226 17.45 26.19 1.01
C GLY B 226 17.96 24.93 1.69
N VAL B 227 18.92 25.12 2.58
CA VAL B 227 19.40 24.02 3.42
C VAL B 227 18.46 23.87 4.61
N GLU B 228 18.08 22.64 4.92
CA GLU B 228 17.28 22.34 6.09
C GLU B 228 17.97 21.25 6.88
N LEU B 229 18.20 21.52 8.16
CA LEU B 229 18.93 20.62 9.03
C LEU B 229 17.97 19.65 9.73
N ASP B 230 18.47 18.45 9.96
CA ASP B 230 17.77 17.39 10.66
C ASP B 230 17.67 17.72 12.15
N PRO B 231 16.47 17.95 12.68
CA PRO B 231 16.37 18.27 14.12
C PRO B 231 16.85 17.15 15.01
N SER B 232 16.82 15.90 14.55
CA SER B 232 17.35 14.81 15.34
C SER B 232 18.87 14.73 15.29
N GLY B 233 19.52 15.40 14.34
CA GLY B 233 20.96 15.38 14.22
C GLY B 233 21.54 14.15 13.54
N ALA B 234 20.68 13.25 13.04
CA ALA B 234 21.18 12.01 12.47
C ALA B 234 21.90 12.26 11.15
N ILE B 235 21.37 13.14 10.32
CA ILE B 235 21.92 13.44 9.01
C ILE B 235 22.67 14.76 9.14
N LYS B 236 24.00 14.69 9.25
CA LYS B 236 24.82 15.88 9.34
C LYS B 236 24.77 16.63 8.01
N GLY B 237 24.57 17.95 8.08
CA GLY B 237 24.44 18.74 6.87
C GLY B 237 23.06 18.74 6.25
N GLY B 238 22.13 17.96 6.79
CA GLY B 238 20.74 18.01 6.38
C GLY B 238 20.53 17.80 4.90
N ILE B 239 19.46 18.43 4.40
CA ILE B 239 19.04 18.33 3.00
C ILE B 239 19.17 19.71 2.36
N THR B 240 19.84 19.76 1.21
CA THR B 240 19.95 20.97 0.41
C THR B 240 18.97 20.87 -0.75
N PHE B 241 17.88 21.61 -0.68
CA PHE B 241 16.84 21.62 -1.72
C PHE B 241 17.29 22.49 -2.88
N PHE B 242 17.32 21.92 -4.09
CA PHE B 242 17.99 22.57 -5.21
C PHE B 242 17.06 23.39 -6.09
N GLY B 243 15.83 23.67 -5.66
CA GLY B 243 14.91 24.42 -6.50
C GLY B 243 14.78 23.86 -7.90
N SER B 244 15.12 24.66 -8.91
CA SER B 244 15.11 24.21 -10.31
C SER B 244 13.73 23.75 -10.75
N SER B 245 12.69 24.44 -10.26
CA SER B 245 11.34 24.27 -10.76
C SER B 245 11.34 24.48 -12.27
N PHE B 246 10.45 23.79 -12.99
CA PHE B 246 10.51 23.97 -14.44
C PHE B 246 9.14 23.68 -15.06
N VAL B 247 9.01 24.11 -16.32
CA VAL B 247 7.81 23.89 -17.12
C VAL B 247 8.24 23.38 -18.49
N VAL B 248 7.58 22.32 -18.97
CA VAL B 248 7.82 21.82 -20.34
C VAL B 248 6.49 21.73 -21.08
N GLY B 249 6.58 21.75 -22.42
CA GLY B 249 5.43 21.61 -23.27
C GLY B 249 5.16 20.17 -23.68
N ALA B 250 4.19 20.00 -24.58
CA ALA B 250 3.71 18.67 -24.95
C ALA B 250 4.73 17.82 -25.71
N LEU B 251 5.86 18.40 -26.14
CA LEU B 251 6.93 17.63 -26.75
C LEU B 251 8.11 17.46 -25.81
N GLY B 252 7.95 17.79 -24.53
CA GLY B 252 9.03 17.72 -23.57
C GLY B 252 10.01 18.87 -23.62
N GLU B 253 9.73 19.88 -24.45
CA GLU B 253 10.62 21.02 -24.61
C GLU B 253 10.43 21.98 -23.44
N PHE B 254 11.53 22.56 -22.96
CA PHE B 254 11.47 23.46 -21.81
C PHE B 254 10.83 24.79 -22.20
N LEU B 255 9.83 25.19 -21.42
CA LEU B 255 9.26 26.52 -21.52
C LEU B 255 9.85 27.47 -20.49
N ALA B 256 10.21 26.97 -19.31
CA ALA B 256 10.87 27.81 -18.32
C ALA B 256 11.60 26.91 -17.33
N LYS B 257 12.71 27.42 -16.81
CA LYS B 257 13.57 26.68 -15.90
C LYS B 257 14.11 27.65 -14.86
N ALA B 258 14.02 27.28 -13.59
CA ALA B 258 14.43 28.16 -12.50
C ALA B 258 15.84 27.86 -12.01
N SER B 259 16.40 28.83 -11.29
CA SER B 259 17.67 28.68 -10.61
C SER B 259 17.48 27.78 -9.38
N ASP B 260 18.51 27.69 -8.54
CA ASP B 260 18.41 26.99 -7.27
C ASP B 260 18.25 27.95 -6.09
N LYS B 261 17.80 29.18 -6.38
CA LYS B 261 17.52 30.21 -5.38
C LYS B 261 16.04 30.53 -5.40
N GLU B 262 15.64 31.40 -4.46
CA GLU B 262 14.26 31.86 -4.42
C GLU B 262 13.88 32.48 -5.76
N GLU B 263 12.72 32.14 -6.27
CA GLU B 263 12.41 32.62 -7.61
C GLU B 263 10.91 32.57 -7.86
N ILE B 264 10.43 33.55 -8.62
CA ILE B 264 9.11 33.51 -9.22
C ILE B 264 9.32 33.06 -10.66
N LEU B 265 8.89 31.84 -10.99
CA LEU B 265 9.03 31.30 -12.34
C LEU B 265 7.72 31.50 -13.09
N TYR B 266 7.82 31.96 -14.35
CA TYR B 266 6.64 32.25 -15.15
C TYR B 266 6.73 31.57 -16.52
N ALA B 267 5.60 31.02 -16.97
CA ALA B 267 5.56 30.39 -18.29
C ALA B 267 4.14 30.47 -18.85
N GLU B 268 4.03 30.72 -20.15
CA GLU B 268 2.75 30.75 -20.84
C GLU B 268 2.56 29.44 -21.60
N ILE B 269 1.50 28.72 -21.26
CA ILE B 269 1.31 27.36 -21.73
C ILE B 269 0.06 27.31 -22.60
N ASP B 270 0.24 26.91 -23.86
CA ASP B 270 -0.84 26.77 -24.82
C ASP B 270 -1.37 25.34 -24.79
N LEU B 271 -2.53 25.16 -24.18
CA LEU B 271 -3.14 23.83 -24.13
C LEU B 271 -3.55 23.35 -25.52
N GLU B 272 -3.88 24.28 -26.42
CA GLU B 272 -4.36 23.86 -27.74
C GLU B 272 -3.33 23.07 -28.54
N ARG B 273 -2.06 23.14 -28.17
CA ARG B 273 -1.05 22.35 -28.87
C ARG B 273 -1.24 20.86 -28.70
N THR B 274 -1.96 20.41 -27.67
CA THR B 274 -2.11 18.97 -27.44
C THR B 274 -2.77 18.28 -28.65
N GLU B 275 -3.75 18.91 -29.27
CA GLU B 275 -4.39 18.30 -30.44
C GLU B 275 -3.37 18.10 -31.55
N GLU B 276 -2.59 19.14 -31.84
CA GLU B 276 -1.60 19.05 -32.92
C GLU B 276 -0.51 18.06 -32.59
N VAL B 277 -0.05 18.04 -31.34
CA VAL B 277 0.98 17.09 -30.96
C VAL B 277 0.45 15.64 -31.05
N ARG B 278 -0.76 15.41 -30.58
CA ARG B 278 -1.29 14.05 -30.61
C ARG B 278 -1.64 13.60 -32.02
N ARG B 279 -1.99 14.52 -32.91
CA ARG B 279 -2.16 14.14 -34.33
C ARG B 279 -0.84 13.69 -34.91
N MET B 280 0.26 14.35 -34.53
CA MET B 280 1.57 13.95 -35.02
C MET B 280 2.01 12.63 -34.39
N TRP B 281 1.79 12.47 -33.08
CA TRP B 281 2.21 11.29 -32.33
C TRP B 281 0.98 10.73 -31.64
N PRO B 282 0.26 9.82 -32.29
CA PRO B 282 -0.98 9.28 -31.72
C PRO B 282 -0.75 8.09 -30.81
N PHE B 283 0.04 8.31 -29.76
CA PHE B 283 0.35 7.23 -28.82
C PHE B 283 -0.93 6.68 -28.22
N LEU B 284 -1.89 7.56 -27.88
CA LEU B 284 -3.10 7.05 -27.23
C LEU B 284 -3.88 6.13 -28.15
N ARG B 285 -3.88 6.41 -29.46
CA ARG B 285 -4.55 5.55 -30.43
C ARG B 285 -3.94 4.15 -30.43
N ASP B 286 -2.61 4.05 -30.24
CA ASP B 286 -1.91 2.81 -30.52
C ASP B 286 -1.57 2.00 -29.29
N ARG B 287 -1.86 2.51 -28.09
CA ARG B 287 -1.54 1.75 -26.88
C ARG B 287 -2.13 0.34 -26.97
N ARG B 288 -1.31 -0.65 -26.67
CA ARG B 288 -1.74 -2.04 -26.71
C ARG B 288 -2.34 -2.42 -25.36
N ILE B 289 -3.50 -1.81 -25.08
CA ILE B 289 -4.15 -2.05 -23.79
C ILE B 289 -4.53 -3.51 -23.64
N ASP B 290 -4.65 -4.26 -24.74
CA ASP B 290 -4.99 -5.68 -24.61
C ASP B 290 -3.84 -6.49 -24.01
N PHE B 291 -2.64 -5.93 -23.91
CA PHE B 291 -1.49 -6.62 -23.33
C PHE B 291 -0.87 -5.82 -22.20
N TYR B 292 -1.65 -4.97 -21.52
CA TYR B 292 -1.12 -4.18 -20.42
C TYR B 292 -1.45 -4.76 -19.06
N ASN B 293 -2.12 -5.92 -19.02
CA ASN B 293 -2.58 -6.46 -17.74
C ASN B 293 -1.44 -6.66 -16.74
N ASP B 294 -0.24 -6.98 -17.21
CA ASP B 294 0.84 -7.27 -16.28
C ASP B 294 1.30 -6.03 -15.50
N LEU B 295 0.86 -4.84 -15.89
CA LEU B 295 1.15 -3.66 -15.10
C LEU B 295 0.53 -3.74 -13.70
N LEU B 296 -0.47 -4.60 -13.51
CA LEU B 296 -1.14 -4.73 -12.22
C LEU B 296 -0.36 -5.62 -11.26
N LYS B 297 0.78 -6.14 -11.67
CA LYS B 297 1.56 -7.05 -10.85
C LYS B 297 2.72 -6.32 -10.20
N ARG B 298 3.06 -6.78 -8.99
CA ARG B 298 4.22 -6.24 -8.31
C ARG B 298 5.50 -6.66 -9.01
N TYR B 299 5.52 -7.88 -9.54
CA TYR B 299 6.65 -8.42 -10.25
C TYR B 299 6.18 -9.75 -10.82
N ILE B 300 6.88 -10.23 -11.84
CA ILE B 300 6.51 -11.49 -12.51
C ILE B 300 7.76 -12.30 -12.79
N HIS C 8 -6.62 -35.94 14.99
CA HIS C 8 -6.38 -34.61 14.45
C HIS C 8 -5.66 -33.75 15.48
N MET C 9 -4.39 -34.05 15.73
CA MET C 9 -3.60 -33.38 16.75
C MET C 9 -2.41 -32.66 16.12
N ILE C 10 -2.10 -31.47 16.64
CA ILE C 10 -0.86 -30.77 16.33
C ILE C 10 -0.02 -30.77 17.60
N TYR C 11 1.15 -31.39 17.53
CA TYR C 11 2.09 -31.36 18.64
C TYR C 11 3.10 -30.30 18.24
N ALA C 12 2.90 -29.10 18.73
CA ALA C 12 3.58 -27.91 18.22
C ALA C 12 4.79 -27.62 19.10
N GLY C 13 5.93 -27.37 18.47
CA GLY C 13 7.12 -26.93 19.17
C GLY C 13 7.56 -25.56 18.69
N VAL C 14 7.90 -24.69 19.63
CA VAL C 14 8.36 -23.34 19.34
C VAL C 14 9.79 -23.19 19.85
N LEU C 15 10.67 -22.74 18.96
CA LEU C 15 12.09 -22.55 19.29
C LEU C 15 12.30 -21.05 19.49
N GLN C 16 12.36 -20.62 20.75
CA GLN C 16 12.48 -19.22 21.13
C GLN C 16 13.91 -18.96 21.61
N HIS C 17 14.65 -18.14 20.87
CA HIS C 17 16.06 -17.95 21.20
C HIS C 17 16.51 -16.59 20.71
N ALA C 18 17.76 -16.26 21.05
CA ALA C 18 18.37 -14.99 20.67
C ALA C 18 19.13 -15.11 19.35
N TYR C 19 19.41 -13.97 18.75
CA TYR C 19 20.34 -13.94 17.63
C TYR C 19 21.73 -14.18 18.16
N CYS C 20 22.50 -15.02 17.46
CA CYS C 20 23.76 -15.52 17.99
C CYS C 20 24.97 -14.79 17.44
N GLY C 21 24.78 -13.61 16.84
CA GLY C 21 25.88 -12.79 16.38
C GLY C 21 26.22 -12.95 14.91
N SER C 22 25.80 -14.05 14.30
CA SER C 22 25.97 -14.27 12.87
C SER C 22 24.83 -15.14 12.38
N ARG C 23 24.60 -15.09 11.06
CA ARG C 23 23.64 -16.01 10.45
C ARG C 23 24.06 -17.45 10.70
N LYS C 24 25.35 -17.75 10.49
CA LYS C 24 25.81 -19.12 10.60
C LYS C 24 25.60 -19.66 12.01
N LYS C 25 26.03 -18.93 13.03
CA LYS C 25 25.87 -19.43 14.40
C LYS C 25 24.40 -19.55 14.76
N THR C 26 23.57 -18.60 14.32
CA THR C 26 22.18 -18.59 14.72
C THR C 26 21.40 -19.78 14.15
N ILE C 27 21.55 -20.05 12.84
CA ILE C 27 20.81 -21.16 12.27
C ILE C 27 21.31 -22.48 12.84
N GLU C 28 22.61 -22.57 13.12
CA GLU C 28 23.17 -23.74 13.79
C GLU C 28 22.59 -23.91 15.18
N HIS C 29 22.40 -22.79 15.89
CA HIS C 29 21.76 -22.85 17.19
C HIS C 29 20.32 -23.36 17.05
N THR C 30 19.58 -22.85 16.06
CA THR C 30 18.20 -23.32 15.86
C THR C 30 18.17 -24.82 15.57
N ALA C 31 19.09 -25.31 14.74
CA ALA C 31 19.12 -26.73 14.43
C ALA C 31 19.37 -27.55 15.67
N ASN C 32 20.29 -27.09 16.53
CA ASN C 32 20.57 -27.80 17.76
C ASN C 32 19.34 -27.81 18.67
N LEU C 33 18.64 -26.68 18.79
CA LEU C 33 17.44 -26.64 19.59
C LEU C 33 16.35 -27.53 19.01
N LEU C 34 16.24 -27.60 17.69
CA LEU C 34 15.27 -28.50 17.08
C LEU C 34 15.55 -29.94 17.47
N GLU C 35 16.82 -30.32 17.47
CA GLU C 35 17.20 -31.66 17.90
C GLU C 35 16.85 -31.88 19.38
N GLN C 36 17.18 -30.90 20.23
CA GLN C 36 16.81 -30.99 21.63
C GLN C 36 15.30 -31.11 21.79
N ALA C 37 14.55 -30.28 21.04
CA ALA C 37 13.08 -30.30 21.15
C ALA C 37 12.51 -31.68 20.83
N LEU C 38 12.99 -32.31 19.76
CA LEU C 38 12.40 -33.59 19.36
C LEU C 38 12.80 -34.75 20.26
N LYS C 39 13.94 -34.66 20.95
CA LYS C 39 14.24 -35.69 21.94
C LYS C 39 13.33 -35.53 23.15
N LYS C 40 13.13 -34.30 23.62
CA LYS C 40 12.25 -34.07 24.76
C LYS C 40 10.80 -34.33 24.43
N HIS C 41 10.37 -33.97 23.21
CA HIS C 41 8.97 -34.11 22.79
C HIS C 41 8.93 -34.91 21.50
N PRO C 42 8.98 -36.24 21.59
CA PRO C 42 9.06 -37.05 20.37
C PRO C 42 7.82 -36.97 19.50
N LYS C 43 6.67 -36.52 20.01
CA LYS C 43 5.49 -36.48 19.14
C LYS C 43 5.44 -35.27 18.23
N THR C 44 6.37 -34.33 18.39
CA THR C 44 6.33 -33.07 17.65
C THR C 44 6.16 -33.31 16.16
N ASN C 45 5.12 -32.69 15.58
CA ASN C 45 4.88 -32.74 14.16
C ASN C 45 4.86 -31.36 13.50
N LEU C 46 4.95 -30.29 14.29
CA LEU C 46 5.02 -28.93 13.78
C LEU C 46 5.98 -28.12 14.64
N VAL C 47 6.95 -27.47 13.99
CA VAL C 47 7.86 -26.56 14.68
C VAL C 47 7.77 -25.19 14.04
N VAL C 48 7.59 -24.17 14.87
CA VAL C 48 7.50 -22.78 14.41
C VAL C 48 8.69 -22.02 14.97
N LEU C 49 9.38 -21.29 14.10
CA LEU C 49 10.52 -20.48 14.50
C LEU C 49 10.08 -19.04 14.77
N GLN C 50 11.00 -18.22 15.25
CA GLN C 50 10.70 -16.81 15.44
C GLN C 50 10.83 -16.07 14.11
N GLU C 51 10.27 -14.86 14.07
CA GLU C 51 10.36 -14.04 12.86
C GLU C 51 11.83 -13.76 12.53
N LEU C 52 12.14 -13.76 11.23
CA LEU C 52 13.48 -13.51 10.73
C LEU C 52 14.51 -14.33 11.50
N ASN C 53 14.22 -15.64 11.64
CA ASN C 53 14.97 -16.46 12.60
C ASN C 53 16.47 -16.57 12.31
N PRO C 54 16.98 -16.47 11.08
CA PRO C 54 18.44 -16.50 10.90
C PRO C 54 19.15 -15.22 11.27
N TYR C 55 18.46 -14.10 11.42
CA TYR C 55 19.09 -12.78 11.40
C TYR C 55 18.79 -11.99 12.66
N SER C 56 19.55 -10.91 12.85
CA SER C 56 19.16 -9.90 13.80
C SER C 56 17.87 -9.24 13.31
N TYR C 57 17.21 -8.51 14.21
CA TYR C 57 16.11 -7.66 13.75
C TYR C 57 16.72 -6.43 13.09
N PHE C 58 17.10 -6.60 11.82
CA PHE C 58 17.91 -5.55 11.19
C PHE C 58 17.09 -4.29 10.85
N CYS C 59 15.78 -4.31 11.08
CA CYS C 59 14.96 -3.13 10.82
C CYS C 59 15.04 -2.09 11.93
N GLN C 60 15.86 -2.33 12.95
CA GLN C 60 16.02 -1.33 13.99
C GLN C 60 16.56 -0.02 13.42
N SER C 61 17.27 -0.09 12.29
CA SER C 61 17.68 1.11 11.57
C SER C 61 17.32 0.95 10.10
N GLU C 62 17.40 2.05 9.37
CA GLU C 62 17.10 2.09 7.95
C GLU C 62 18.46 2.18 7.21
N ASN C 63 18.92 1.03 6.68
CA ASN C 63 20.26 0.96 6.12
C ASN C 63 20.29 -0.04 4.96
N PRO C 64 20.51 0.42 3.73
CA PRO C 64 20.40 -0.49 2.56
C PRO C 64 21.42 -1.62 2.56
N LYS C 65 22.46 -1.55 3.38
CA LYS C 65 23.43 -2.65 3.36
C LYS C 65 22.77 -3.96 3.77
N PHE C 66 21.70 -3.91 4.56
CA PHE C 66 21.04 -5.12 5.01
C PHE C 66 20.32 -5.85 3.88
N PHE C 67 20.12 -5.21 2.74
CA PHE C 67 19.58 -5.96 1.61
C PHE C 67 20.54 -7.05 1.15
N ASP C 68 21.84 -6.94 1.50
CA ASP C 68 22.77 -8.04 1.21
C ASP C 68 22.32 -9.34 1.85
N LEU C 69 21.61 -9.26 2.99
CA LEU C 69 21.11 -10.47 3.62
C LEU C 69 20.05 -11.16 2.78
N GLY C 70 19.42 -10.43 1.85
CA GLY C 70 18.44 -11.06 0.99
C GLY C 70 19.03 -12.12 0.09
N GLU C 71 20.35 -12.15 -0.06
CA GLU C 71 21.01 -13.10 -0.93
C GLU C 71 21.11 -14.50 -0.33
N TYR C 72 20.66 -14.71 0.92
CA TYR C 72 20.75 -16.05 1.51
C TYR C 72 19.47 -16.86 1.33
N PHE C 73 18.46 -16.29 0.67
CA PHE C 73 17.11 -16.87 0.71
C PHE C 73 17.10 -18.34 0.29
N GLU C 74 17.72 -18.67 -0.85
CA GLU C 74 17.71 -20.06 -1.29
C GLU C 74 18.50 -20.94 -0.33
N GLU C 75 19.65 -20.45 0.14
CA GLU C 75 20.46 -21.20 1.08
C GLU C 75 19.73 -21.42 2.40
N ASP C 76 18.98 -20.41 2.89
CA ASP C 76 18.17 -20.60 4.08
C ASP C 76 17.14 -21.70 3.86
N LYS C 77 16.45 -21.64 2.72
CA LYS C 77 15.43 -22.64 2.40
C LYS C 77 16.00 -24.05 2.34
N ALA C 78 17.18 -24.20 1.74
CA ALA C 78 17.81 -25.52 1.74
C ALA C 78 18.14 -25.98 3.16
N PHE C 79 18.62 -25.07 4.01
CA PHE C 79 19.03 -25.45 5.36
C PHE C 79 17.85 -25.96 6.18
N PHE C 80 16.73 -25.21 6.16
CA PHE C 80 15.58 -25.61 6.97
C PHE C 80 14.74 -26.69 6.32
N SER C 81 14.76 -26.80 4.99
CA SER C 81 14.18 -27.97 4.33
C SER C 81 14.84 -29.25 4.82
N ALA C 82 16.17 -29.27 4.87
CA ALA C 82 16.87 -30.46 5.34
C ALA C 82 16.54 -30.76 6.81
N LEU C 83 16.40 -29.70 7.62
CA LEU C 83 16.04 -29.87 9.02
C LEU C 83 14.68 -30.52 9.17
N ALA C 84 13.68 -30.01 8.43
CA ALA C 84 12.34 -30.57 8.49
C ALA C 84 12.35 -32.03 8.08
N GLN C 85 13.12 -32.37 7.05
CA GLN C 85 13.23 -33.75 6.59
C GLN C 85 13.96 -34.61 7.62
N LYS C 86 15.04 -34.08 8.21
CA LYS C 86 15.84 -34.86 9.15
C LYS C 86 15.03 -35.27 10.37
N PHE C 87 14.23 -34.35 10.90
CA PHE C 87 13.46 -34.59 12.11
C PHE C 87 11.99 -34.92 11.84
N GLN C 88 11.61 -35.01 10.57
CA GLN C 88 10.26 -35.42 10.16
C GLN C 88 9.19 -34.58 10.87
N VAL C 89 9.31 -33.26 10.72
CA VAL C 89 8.31 -32.34 11.24
C VAL C 89 7.94 -31.36 10.13
N VAL C 90 6.70 -30.86 10.20
CA VAL C 90 6.38 -29.68 9.43
C VAL C 90 7.06 -28.50 10.11
N LEU C 91 7.77 -27.69 9.34
CA LEU C 91 8.62 -26.64 9.90
C LEU C 91 8.32 -25.31 9.23
N ILE C 92 8.10 -24.27 10.05
CA ILE C 92 7.78 -22.93 9.57
C ILE C 92 8.95 -22.02 9.91
N ALA C 93 9.65 -21.57 8.88
CA ALA C 93 10.74 -20.62 9.04
C ALA C 93 10.31 -19.25 8.56
N SER C 94 10.93 -18.22 9.11
CA SER C 94 10.61 -16.85 8.75
C SER C 94 11.85 -16.23 8.13
N LEU C 95 11.82 -16.03 6.82
CA LEU C 95 13.01 -15.71 6.02
C LEU C 95 12.85 -14.36 5.34
N PHE C 96 13.86 -14.00 4.58
CA PHE C 96 14.00 -12.68 3.95
C PHE C 96 14.14 -12.91 2.46
N GLU C 97 13.04 -12.73 1.72
CA GLU C 97 12.99 -13.10 0.31
C GLU C 97 13.46 -11.93 -0.57
N LYS C 98 14.40 -12.22 -1.46
CA LYS C 98 14.75 -11.27 -2.53
C LYS C 98 13.96 -11.71 -3.75
N ARG C 99 12.91 -10.97 -4.07
CA ARG C 99 12.11 -11.31 -5.22
C ARG C 99 12.76 -10.87 -6.52
N ALA C 100 13.48 -9.75 -6.47
CA ALA C 100 14.15 -9.20 -7.63
C ALA C 100 15.15 -8.17 -7.12
N LYS C 101 15.97 -7.67 -8.03
CA LYS C 101 16.82 -6.56 -7.68
C LYS C 101 15.94 -5.42 -7.19
N GLY C 102 16.22 -4.91 -6.00
CA GLY C 102 15.47 -3.82 -5.40
C GLY C 102 14.11 -4.19 -4.88
N LEU C 103 13.78 -5.49 -4.77
CA LEU C 103 12.45 -5.92 -4.34
C LEU C 103 12.58 -7.08 -3.37
N TYR C 104 12.14 -6.88 -2.14
CA TYR C 104 12.29 -7.86 -1.08
C TYR C 104 10.99 -8.02 -0.31
N HIS C 105 10.82 -9.21 0.27
CA HIS C 105 9.65 -9.49 1.10
C HIS C 105 10.10 -10.13 2.41
N ASN C 106 9.28 -9.92 3.42
CA ASN C 106 9.34 -10.66 4.69
C ASN C 106 8.49 -11.91 4.48
N SER C 107 9.15 -13.06 4.31
CA SER C 107 8.50 -14.25 3.77
C SER C 107 8.69 -15.45 4.69
N ALA C 108 7.58 -15.97 5.19
CA ALA C 108 7.62 -17.21 5.95
C ALA C 108 7.42 -18.39 5.00
N VAL C 109 8.21 -19.44 5.20
CA VAL C 109 8.19 -20.62 4.34
C VAL C 109 7.87 -21.84 5.20
N VAL C 110 6.96 -22.67 4.71
CA VAL C 110 6.48 -23.85 5.40
C VAL C 110 7.06 -25.07 4.71
N PHE C 111 7.80 -25.89 5.47
CA PHE C 111 8.40 -27.12 4.95
C PHE C 111 7.62 -28.34 5.42
N GLU C 112 7.24 -29.20 4.50
CA GLU C 112 6.62 -30.47 4.82
C GLU C 112 7.64 -31.43 5.43
N LYS C 113 7.12 -32.53 5.98
CA LYS C 113 7.96 -33.53 6.64
C LYS C 113 8.98 -34.15 5.70
N ASP C 114 8.75 -34.09 4.39
CA ASP C 114 9.70 -34.59 3.41
C ASP C 114 10.66 -33.51 2.90
N GLY C 115 10.62 -32.32 3.47
CA GLY C 115 11.48 -31.24 3.06
C GLY C 115 10.95 -30.39 1.92
N SER C 116 9.87 -30.81 1.27
CA SER C 116 9.27 -30.01 0.22
C SER C 116 8.59 -28.78 0.80
N ILE C 117 8.43 -27.77 -0.04
CA ILE C 117 7.84 -26.50 0.37
C ILE C 117 6.33 -26.59 0.22
N ALA C 118 5.63 -26.53 1.34
CA ALA C 118 4.16 -26.56 1.34
C ALA C 118 3.56 -25.23 0.92
N GLY C 119 4.25 -24.13 1.21
CA GLY C 119 3.75 -22.81 0.87
C GLY C 119 4.69 -21.73 1.36
N VAL C 120 4.41 -20.52 0.90
CA VAL C 120 5.16 -19.32 1.25
C VAL C 120 4.13 -18.24 1.54
N TYR C 121 4.37 -17.47 2.60
CA TYR C 121 3.50 -16.35 2.94
C TYR C 121 4.33 -15.08 3.00
N ARG C 122 3.90 -14.05 2.25
CA ARG C 122 4.56 -12.75 2.28
C ARG C 122 3.82 -11.84 3.25
N LYS C 123 4.51 -11.37 4.29
CA LYS C 123 3.94 -10.47 5.27
C LYS C 123 3.13 -9.38 4.57
N MET C 124 1.91 -9.19 5.03
CA MET C 124 0.99 -8.29 4.34
C MET C 124 1.01 -6.90 4.94
N HIS C 125 0.89 -6.78 6.27
CA HIS C 125 0.91 -5.49 6.95
C HIS C 125 2.34 -5.20 7.38
N ILE C 126 2.91 -4.12 6.88
CA ILE C 126 4.31 -3.78 7.11
C ILE C 126 4.36 -2.57 8.04
N PRO C 127 4.96 -2.68 9.22
CA PRO C 127 4.97 -1.56 10.16
C PRO C 127 6.04 -0.55 9.81
N ASP C 128 5.95 0.61 10.47
CA ASP C 128 6.91 1.69 10.26
C ASP C 128 6.83 2.63 11.48
N ASP C 129 7.69 2.36 12.47
CA ASP C 129 7.86 3.21 13.65
C ASP C 129 9.36 3.33 13.90
N PRO C 130 9.80 4.36 14.65
CA PRO C 130 11.22 4.44 15.02
C PRO C 130 11.69 3.17 15.70
N GLY C 131 12.72 2.54 15.12
CA GLY C 131 13.20 1.24 15.56
C GLY C 131 12.55 0.05 14.91
N PHE C 132 11.49 0.25 14.12
CA PHE C 132 10.82 -0.83 13.41
C PHE C 132 10.53 -0.33 11.99
N TYR C 133 11.60 -0.03 11.26
CA TYR C 133 11.52 0.57 9.92
C TYR C 133 11.29 -0.48 8.83
N GLU C 134 10.20 -1.25 8.95
CA GLU C 134 10.06 -2.39 8.07
C GLU C 134 9.65 -2.00 6.64
N LYS C 135 8.89 -0.93 6.48
CA LYS C 135 8.44 -0.49 5.16
C LYS C 135 9.61 -0.09 4.28
N PHE C 136 10.77 0.21 4.87
CA PHE C 136 11.94 0.50 4.04
C PHE C 136 12.43 -0.76 3.36
N TYR C 137 12.34 -1.90 4.03
CA TYR C 137 12.92 -3.14 3.55
C TYR C 137 11.93 -4.01 2.80
N PHE C 138 10.73 -4.16 3.34
CA PHE C 138 9.82 -5.20 2.90
C PHE C 138 8.72 -4.59 2.02
N THR C 139 8.69 -4.99 0.77
CA THR C 139 7.53 -4.71 -0.07
C THR C 139 6.30 -5.39 0.53
N PRO C 140 5.17 -4.72 0.61
CA PRO C 140 3.98 -5.36 1.18
C PRO C 140 3.61 -6.60 0.38
N GLY C 141 3.14 -7.64 1.08
CA GLY C 141 2.79 -8.88 0.42
C GLY C 141 1.73 -8.69 -0.64
N ASP C 142 1.78 -9.56 -1.64
CA ASP C 142 0.83 -9.51 -2.75
C ASP C 142 0.09 -10.82 -2.95
N LEU C 143 0.33 -11.82 -2.10
CA LEU C 143 -0.38 -13.09 -2.19
C LEU C 143 -1.70 -13.10 -1.42
N GLY C 144 -1.88 -12.18 -0.48
CA GLY C 144 -3.11 -12.13 0.27
C GLY C 144 -3.07 -13.10 1.44
N PHE C 145 -4.25 -13.34 2.00
CA PHE C 145 -4.39 -14.14 3.21
C PHE C 145 -4.94 -15.50 2.79
N GLU C 146 -4.03 -16.42 2.51
CA GLU C 146 -4.36 -17.76 2.06
C GLU C 146 -3.72 -18.77 3.01
N PRO C 147 -4.47 -19.68 3.61
CA PRO C 147 -3.85 -20.71 4.43
C PRO C 147 -2.99 -21.64 3.59
N ILE C 148 -2.07 -22.31 4.26
CA ILE C 148 -1.15 -23.23 3.62
C ILE C 148 -1.48 -24.64 4.08
N ILE C 149 -1.78 -25.52 3.12
CA ILE C 149 -2.18 -26.89 3.41
C ILE C 149 -0.93 -27.70 3.68
N THR C 150 -0.91 -28.42 4.80
CA THR C 150 0.19 -29.28 5.18
C THR C 150 -0.37 -30.57 5.75
N SER C 151 0.51 -31.55 5.97
CA SER C 151 0.07 -32.84 6.49
C SER C 151 -0.45 -32.75 7.91
N VAL C 152 -0.12 -31.70 8.66
CA VAL C 152 -0.62 -31.57 10.01
C VAL C 152 -1.77 -30.59 10.11
N GLY C 153 -2.22 -30.04 8.96
CA GLY C 153 -3.39 -29.18 8.90
C GLY C 153 -3.27 -28.01 7.96
N LYS C 154 -4.37 -27.28 7.77
CA LYS C 154 -4.36 -26.06 6.97
C LYS C 154 -3.94 -24.92 7.88
N LEU C 155 -2.76 -24.37 7.63
CA LEU C 155 -2.15 -23.42 8.55
C LEU C 155 -2.49 -22.00 8.13
N GLY C 156 -3.15 -21.26 9.03
CA GLY C 156 -3.34 -19.84 8.82
C GLY C 156 -2.10 -19.07 9.26
N LEU C 157 -1.09 -19.05 8.39
CA LEU C 157 0.20 -18.50 8.73
C LEU C 157 0.28 -17.04 8.31
N MET C 158 0.58 -16.17 9.27
CA MET C 158 0.87 -14.76 9.02
C MET C 158 2.10 -14.40 9.82
N VAL C 159 2.54 -13.14 9.75
CA VAL C 159 3.81 -12.73 10.34
C VAL C 159 3.62 -11.47 11.17
N CYS C 160 4.09 -11.51 12.42
CA CYS C 160 4.24 -10.37 13.33
C CYS C 160 3.10 -9.37 13.20
N TRP C 161 3.39 -8.18 12.64
CA TRP C 161 2.43 -7.07 12.61
C TRP C 161 1.05 -7.48 12.08
N ASP C 162 0.98 -8.51 11.22
CA ASP C 162 -0.32 -9.04 10.79
C ASP C 162 -1.24 -9.36 11.97
N GLN C 163 -0.66 -9.71 13.12
CA GLN C 163 -1.41 -10.21 14.27
C GLN C 163 -2.23 -9.13 14.96
N TRP C 164 -2.07 -7.86 14.59
CA TRP C 164 -2.90 -6.79 15.16
C TRP C 164 -4.18 -6.54 14.36
N TYR C 165 -4.42 -7.29 13.26
CA TYR C 165 -5.53 -7.06 12.34
C TYR C 165 -6.54 -8.21 12.40
N PRO C 166 -7.70 -7.99 13.02
CA PRO C 166 -8.74 -9.02 13.01
C PRO C 166 -9.16 -9.45 11.63
N GLU C 167 -9.09 -8.55 10.64
CA GLU C 167 -9.47 -8.87 9.28
C GLU C 167 -8.65 -10.03 8.72
N ALA C 168 -7.34 -10.04 8.97
CA ALA C 168 -6.48 -11.08 8.44
C ALA C 168 -6.82 -12.44 9.06
N ALA C 169 -6.96 -12.47 10.38
CA ALA C 169 -7.34 -13.72 11.05
C ALA C 169 -8.67 -14.22 10.53
N ARG C 170 -9.62 -13.31 10.33
CA ARG C 170 -10.95 -13.72 9.86
C ARG C 170 -10.86 -14.33 8.48
N ILE C 171 -10.11 -13.69 7.57
CA ILE C 171 -10.00 -14.20 6.21
C ILE C 171 -9.36 -15.60 6.20
N MET C 172 -8.32 -15.79 7.01
CA MET C 172 -7.75 -17.12 7.14
C MET C 172 -8.82 -18.12 7.58
N ALA C 173 -9.61 -17.75 8.60
CA ALA C 173 -10.64 -18.65 9.10
C ALA C 173 -11.69 -18.92 8.03
N LEU C 174 -12.14 -17.87 7.32
CA LEU C 174 -13.15 -18.08 6.30
C LEU C 174 -12.66 -19.04 5.23
N LYS C 175 -11.35 -19.13 5.03
CA LYS C 175 -10.77 -20.01 4.04
C LYS C 175 -10.37 -21.38 4.61
N GLY C 176 -10.88 -21.74 5.77
CA GLY C 176 -10.70 -23.08 6.29
C GLY C 176 -9.45 -23.30 7.13
N ALA C 177 -8.75 -22.24 7.51
CA ALA C 177 -7.61 -22.39 8.41
C ALA C 177 -8.04 -23.15 9.66
N GLU C 178 -7.20 -24.07 10.10
CA GLU C 178 -7.47 -24.82 11.32
C GLU C 178 -6.68 -24.27 12.50
N ILE C 179 -5.76 -23.33 12.25
CA ILE C 179 -4.95 -22.74 13.30
C ILE C 179 -4.37 -21.45 12.75
N LEU C 180 -4.13 -20.50 13.64
CA LEU C 180 -3.49 -19.23 13.31
C LEU C 180 -2.07 -19.25 13.85
N ILE C 181 -1.11 -18.79 13.05
CA ILE C 181 0.30 -18.86 13.42
C ILE C 181 0.97 -17.55 13.05
N TYR C 182 1.74 -16.99 13.97
CA TYR C 182 2.39 -15.70 13.78
C TYR C 182 3.82 -15.69 14.33
N PRO C 183 4.83 -15.94 13.50
CA PRO C 183 6.20 -15.65 13.95
C PRO C 183 6.36 -14.15 14.13
N SER C 184 6.92 -13.73 15.27
CA SER C 184 6.94 -12.34 15.62
C SER C 184 8.32 -11.92 16.11
N ALA C 185 8.53 -10.61 16.16
CA ALA C 185 9.73 -10.00 16.73
C ALA C 185 9.26 -8.72 17.41
N ILE C 186 8.98 -8.82 18.71
CA ILE C 186 8.42 -7.69 19.44
C ILE C 186 9.20 -7.53 20.74
N GLY C 187 9.59 -6.29 21.03
CA GLY C 187 10.34 -5.98 22.22
C GLY C 187 10.07 -4.56 22.66
N PHE C 188 10.74 -4.15 23.72
CA PHE C 188 10.53 -2.82 24.26
C PHE C 188 11.79 -1.98 24.15
N LEU C 189 11.59 -0.67 24.18
CA LEU C 189 12.65 0.32 24.13
C LEU C 189 12.96 0.82 25.54
N GLU C 190 14.17 1.35 25.71
CA GLU C 190 14.59 1.84 27.01
C GLU C 190 13.72 2.99 27.50
N GLU C 191 13.18 3.79 26.57
CA GLU C 191 12.39 4.96 26.97
C GLU C 191 11.08 4.60 27.62
N ASP C 192 10.59 3.38 27.40
CA ASP C 192 9.28 3.00 27.87
C ASP C 192 9.30 2.71 29.37
N SER C 193 8.26 3.14 30.06
CA SER C 193 8.11 2.85 31.46
C SER C 193 7.74 1.38 31.66
N ASN C 194 7.84 0.92 32.91
CA ASN C 194 7.48 -0.45 33.21
C ASN C 194 5.99 -0.66 32.98
N GLU C 195 5.17 0.35 33.30
CA GLU C 195 3.75 0.26 33.02
C GLU C 195 3.49 0.13 31.53
N GLU C 196 4.20 0.91 30.71
CA GLU C 196 4.02 0.85 29.25
C GLU C 196 4.48 -0.49 28.70
N LYS C 197 5.63 -1.01 29.18
CA LYS C 197 6.11 -2.31 28.70
C LYS C 197 5.11 -3.41 29.02
N LYS C 198 4.55 -3.40 30.23
CA LYS C 198 3.54 -4.39 30.60
C LYS C 198 2.30 -4.26 29.72
N ARG C 199 1.85 -3.03 29.47
CA ARG C 199 0.67 -2.83 28.61
C ARG C 199 0.95 -3.28 27.19
N GLN C 200 2.17 -3.03 26.69
CA GLN C 200 2.51 -3.47 25.35
C GLN C 200 2.40 -4.99 25.23
N GLN C 201 3.01 -5.71 26.16
CA GLN C 201 3.00 -7.17 26.08
C GLN C 201 1.59 -7.73 26.25
N ASN C 202 0.83 -7.18 27.20
CA ASN C 202 -0.52 -7.69 27.44
C ASN C 202 -1.43 -7.42 26.24
N ALA C 203 -1.27 -6.26 25.59
CA ALA C 203 -2.06 -5.97 24.39
C ALA C 203 -1.70 -6.94 23.27
N TRP C 204 -0.42 -7.27 23.15
CA TRP C 204 0.01 -8.22 22.13
C TRP C 204 -0.63 -9.60 22.32
N GLU C 205 -0.70 -10.06 23.57
CA GLU C 205 -1.38 -11.32 23.87
C GLU C 205 -2.88 -11.18 23.64
N THR C 206 -3.46 -10.08 24.12
CA THR C 206 -4.90 -9.92 24.17
C THR C 206 -5.50 -9.89 22.77
N ILE C 207 -4.92 -9.09 21.86
CA ILE C 207 -5.50 -8.97 20.53
C ILE C 207 -5.47 -10.33 19.83
N GLN C 208 -4.40 -11.11 20.05
CA GLN C 208 -4.31 -12.40 19.38
C GLN C 208 -5.23 -13.43 20.02
N ARG C 209 -5.41 -13.37 21.34
CA ARG C 209 -6.43 -14.21 21.96
C ARG C 209 -7.82 -13.88 21.42
N GLY C 210 -8.04 -12.62 21.05
CA GLY C 210 -9.33 -12.27 20.44
C GLY C 210 -9.54 -12.92 19.09
N HIS C 211 -8.48 -13.02 18.28
CA HIS C 211 -8.60 -13.73 17.01
C HIS C 211 -8.99 -15.18 17.24
N ALA C 212 -8.34 -15.81 18.20
CA ALA C 212 -8.67 -17.19 18.55
C ALA C 212 -10.13 -17.31 18.98
N ILE C 213 -10.57 -16.39 19.85
CA ILE C 213 -11.95 -16.41 20.31
C ILE C 213 -12.92 -16.13 19.17
N ALA C 214 -12.65 -15.08 18.39
CA ALA C 214 -13.59 -14.66 17.36
C ALA C 214 -13.79 -15.72 16.29
N ASN C 215 -12.77 -16.53 16.04
CA ASN C 215 -12.79 -17.50 14.95
C ASN C 215 -12.82 -18.94 15.43
N GLY C 216 -12.81 -19.18 16.74
CA GLY C 216 -12.83 -20.55 17.24
C GLY C 216 -11.63 -21.35 16.78
N LEU C 217 -10.46 -20.72 16.70
CA LEU C 217 -9.26 -21.37 16.22
C LEU C 217 -8.14 -21.27 17.25
N PRO C 218 -7.34 -22.31 17.41
CA PRO C 218 -6.14 -22.18 18.23
C PRO C 218 -5.12 -21.29 17.53
N LEU C 219 -4.15 -20.80 18.30
CA LEU C 219 -3.22 -19.81 17.79
C LEU C 219 -1.85 -20.02 18.42
N ILE C 220 -0.82 -19.91 17.59
CA ILE C 220 0.57 -19.94 18.04
C ILE C 220 1.18 -18.59 17.73
N ALA C 221 1.82 -17.98 18.73
CA ALA C 221 2.57 -16.76 18.55
C ALA C 221 4.00 -17.01 19.01
N THR C 222 4.98 -16.72 18.17
CA THR C 222 6.37 -16.92 18.57
C THR C 222 7.10 -15.59 18.59
N ASN C 223 8.19 -15.54 19.33
CA ASN C 223 8.95 -14.31 19.48
C ASN C 223 10.38 -14.68 19.86
N ARG C 224 11.30 -13.78 19.56
CA ARG C 224 12.70 -13.98 19.92
C ARG C 224 12.98 -13.36 21.30
N VAL C 225 14.20 -13.57 21.79
CA VAL C 225 14.63 -13.02 23.07
C VAL C 225 15.96 -12.30 22.86
N GLY C 226 16.37 -11.56 23.88
CA GLY C 226 17.68 -10.94 23.90
C GLY C 226 17.62 -9.45 23.61
N VAL C 227 18.63 -8.74 24.11
CA VAL C 227 18.82 -7.34 23.80
C VAL C 227 19.57 -7.26 22.48
N GLU C 228 19.10 -6.40 21.59
CA GLU C 228 19.82 -6.13 20.35
C GLU C 228 20.02 -4.63 20.26
N LEU C 229 21.27 -4.22 20.12
CA LEU C 229 21.64 -2.82 20.09
C LEU C 229 21.53 -2.31 18.66
N ASP C 230 21.20 -1.03 18.53
CA ASP C 230 21.06 -0.37 17.23
C ASP C 230 22.43 -0.20 16.59
N PRO C 231 22.71 -0.85 15.46
CA PRO C 231 24.04 -0.71 14.84
C PRO C 231 24.34 0.71 14.40
N SER C 232 23.31 1.51 14.11
CA SER C 232 23.54 2.91 13.79
C SER C 232 23.79 3.75 15.03
N GLY C 233 23.43 3.23 16.20
CA GLY C 233 23.61 3.98 17.42
C GLY C 233 22.57 5.03 17.70
N ALA C 234 21.52 5.11 16.87
CA ALA C 234 20.51 6.16 17.02
C ALA C 234 19.63 5.91 18.24
N ILE C 235 19.25 4.67 18.50
CA ILE C 235 18.37 4.31 19.61
C ILE C 235 19.23 3.74 20.74
N LYS C 236 19.44 4.52 21.80
CA LYS C 236 20.22 4.04 22.94
C LYS C 236 19.47 2.92 23.66
N GLY C 237 20.18 1.83 23.98
CA GLY C 237 19.59 0.68 24.64
C GLY C 237 18.92 -0.32 23.72
N GLY C 238 18.83 -0.04 22.43
CA GLY C 238 18.32 -1.02 21.47
C GLY C 238 16.92 -1.52 21.78
N ILE C 239 16.65 -2.75 21.36
CA ILE C 239 15.37 -3.42 21.55
C ILE C 239 15.62 -4.62 22.45
N THR C 240 14.80 -4.76 23.49
CA THR C 240 14.86 -5.92 24.38
C THR C 240 13.68 -6.83 24.01
N PHE C 241 13.98 -7.92 23.30
CA PHE C 241 12.92 -8.82 22.88
C PHE C 241 12.52 -9.70 24.05
N PHE C 242 11.23 -9.68 24.39
CA PHE C 242 10.75 -10.23 25.65
C PHE C 242 10.26 -11.67 25.52
N GLY C 243 10.51 -12.33 24.39
CA GLY C 243 10.05 -13.69 24.18
C GLY C 243 8.57 -13.85 24.43
N SER C 244 8.21 -14.69 25.40
CA SER C 244 6.82 -14.90 25.80
C SER C 244 6.00 -15.43 24.64
N SER C 245 6.60 -16.32 23.85
CA SER C 245 5.80 -17.08 22.91
C SER C 245 4.68 -17.78 23.68
N PHE C 246 3.56 -17.99 23.02
CA PHE C 246 2.43 -18.59 23.71
C PHE C 246 1.54 -19.32 22.71
N VAL C 247 0.70 -20.20 23.24
CA VAL C 247 -0.27 -20.96 22.46
C VAL C 247 -1.59 -20.89 23.19
N VAL C 248 -2.66 -20.58 22.47
CA VAL C 248 -4.00 -20.56 23.04
C VAL C 248 -4.91 -21.44 22.21
N GLY C 249 -6.00 -21.91 22.83
CA GLY C 249 -6.98 -22.74 22.17
C GLY C 249 -8.12 -21.94 21.56
N ALA C 250 -9.10 -22.68 21.03
CA ALA C 250 -10.18 -22.05 20.29
C ALA C 250 -11.12 -21.21 21.17
N LEU C 251 -10.99 -21.31 22.50
CA LEU C 251 -11.73 -20.45 23.42
C LEU C 251 -10.85 -19.36 24.00
N GLY C 252 -9.65 -19.15 23.45
CA GLY C 252 -8.73 -18.16 23.95
C GLY C 252 -7.94 -18.59 25.16
N GLU C 253 -8.09 -19.82 25.62
CA GLU C 253 -7.41 -20.28 26.82
C GLU C 253 -5.94 -20.62 26.51
N PHE C 254 -5.06 -20.24 27.44
CA PHE C 254 -3.64 -20.51 27.25
C PHE C 254 -3.38 -22.01 27.33
N LEU C 255 -2.70 -22.54 26.33
CA LEU C 255 -2.23 -23.91 26.38
C LEU C 255 -0.77 -24.00 26.80
N ALA C 256 0.03 -22.98 26.49
CA ALA C 256 1.41 -22.88 26.93
C ALA C 256 1.86 -21.43 26.77
N LYS C 257 2.74 -20.99 27.66
CA LYS C 257 3.28 -19.64 27.65
C LYS C 257 4.73 -19.71 28.05
N ALA C 258 5.60 -19.06 27.29
CA ALA C 258 7.03 -19.15 27.53
C ALA C 258 7.52 -17.97 28.37
N SER C 259 8.71 -18.14 28.94
CA SER C 259 9.39 -17.09 29.68
C SER C 259 9.97 -16.05 28.72
N ASP C 260 10.79 -15.15 29.23
CA ASP C 260 11.51 -14.18 28.41
C ASP C 260 12.97 -14.60 28.19
N LYS C 261 13.29 -15.88 28.39
CA LYS C 261 14.59 -16.44 28.11
C LYS C 261 14.47 -17.46 26.99
N GLU C 262 15.62 -17.97 26.54
CA GLU C 262 15.61 -19.04 25.54
C GLU C 262 14.79 -20.21 26.06
N GLU C 263 13.93 -20.76 25.20
CA GLU C 263 13.00 -21.77 25.69
C GLU C 263 12.51 -22.60 24.52
N ILE C 264 12.31 -23.89 24.76
CA ILE C 264 11.56 -24.77 23.85
C ILE C 264 10.14 -24.86 24.39
N LEU C 265 9.19 -24.27 23.69
CA LEU C 265 7.79 -24.32 24.09
C LEU C 265 7.09 -25.44 23.32
N TYR C 266 6.30 -26.24 24.03
CA TYR C 266 5.61 -27.39 23.46
C TYR C 266 4.14 -27.30 23.84
N ALA C 267 3.28 -27.64 22.88
CA ALA C 267 1.84 -27.61 23.12
C ALA C 267 1.17 -28.66 22.26
N GLU C 268 0.22 -29.39 22.85
CA GLU C 268 -0.57 -30.36 22.13
C GLU C 268 -1.94 -29.74 21.83
N ILE C 269 -2.24 -29.61 20.55
CA ILE C 269 -3.41 -28.86 20.11
C ILE C 269 -4.36 -29.84 19.45
N ASP C 270 -5.56 -29.97 20.02
CA ASP C 270 -6.57 -30.86 19.47
C ASP C 270 -7.42 -30.06 18.51
N LEU C 271 -7.16 -30.23 17.21
CA LEU C 271 -7.91 -29.53 16.18
C LEU C 271 -9.37 -29.97 16.17
N GLU C 272 -9.65 -31.20 16.59
CA GLU C 272 -11.02 -31.68 16.63
C GLU C 272 -11.88 -30.90 17.62
N ARG C 273 -11.24 -30.21 18.56
CA ARG C 273 -11.98 -29.38 19.51
C ARG C 273 -12.59 -28.15 18.83
N THR C 274 -12.01 -27.70 17.71
CA THR C 274 -12.52 -26.52 17.03
C THR C 274 -13.97 -26.72 16.58
N GLU C 275 -14.29 -27.91 16.09
CA GLU C 275 -15.65 -28.19 15.64
C GLU C 275 -16.63 -28.02 16.79
N GLU C 276 -16.32 -28.60 17.96
CA GLU C 276 -17.23 -28.49 19.09
C GLU C 276 -17.33 -27.06 19.58
N VAL C 277 -16.20 -26.34 19.60
CA VAL C 277 -16.21 -24.95 20.07
C VAL C 277 -17.10 -24.08 19.18
N ARG C 278 -17.01 -24.26 17.86
CA ARG C 278 -17.80 -23.44 16.96
C ARG C 278 -19.28 -23.78 17.03
N ARG C 279 -19.63 -25.02 17.38
CA ARG C 279 -21.02 -25.36 17.61
C ARG C 279 -21.57 -24.61 18.82
N MET C 280 -20.75 -24.45 19.87
CA MET C 280 -21.20 -23.75 21.06
C MET C 280 -21.33 -22.25 20.84
N TRP C 281 -20.39 -21.66 20.08
CA TRP C 281 -20.38 -20.21 19.82
C TRP C 281 -20.37 -19.98 18.31
N PRO C 282 -21.56 -20.00 17.69
CA PRO C 282 -21.64 -19.88 16.21
C PRO C 282 -21.51 -18.44 15.72
N PHE C 283 -20.35 -17.83 16.01
CA PHE C 283 -20.13 -16.46 15.57
C PHE C 283 -20.11 -16.35 14.05
N LEU C 284 -19.41 -17.28 13.38
CA LEU C 284 -19.20 -17.19 11.94
C LEU C 284 -20.48 -17.31 11.14
N ARG C 285 -21.42 -18.14 11.61
CA ARG C 285 -22.68 -18.34 10.89
C ARG C 285 -23.48 -17.05 10.77
N ASP C 286 -23.40 -16.18 11.76
CA ASP C 286 -24.29 -15.05 11.89
C ASP C 286 -23.69 -13.73 11.40
N ARG C 287 -22.47 -13.76 10.86
CA ARG C 287 -21.85 -12.56 10.31
C ARG C 287 -22.78 -11.86 9.32
N ARG C 288 -22.92 -10.54 9.49
CA ARG C 288 -23.78 -9.73 8.64
C ARG C 288 -22.97 -9.14 7.47
N ILE C 289 -22.53 -10.03 6.58
CA ILE C 289 -21.64 -9.63 5.49
C ILE C 289 -22.29 -8.62 4.54
N ASP C 290 -23.62 -8.58 4.50
CA ASP C 290 -24.33 -7.60 3.70
C ASP C 290 -24.14 -6.18 4.22
N PHE C 291 -23.57 -6.01 5.40
CA PHE C 291 -23.31 -4.67 5.93
C PHE C 291 -21.85 -4.49 6.27
N TYR C 292 -20.96 -5.25 5.65
CA TYR C 292 -19.54 -5.16 5.95
C TYR C 292 -18.74 -4.42 4.87
N ASN C 293 -19.41 -3.90 3.83
CA ASN C 293 -18.72 -3.30 2.69
C ASN C 293 -17.76 -2.20 3.09
N ASP C 294 -18.09 -1.46 4.14
CA ASP C 294 -17.24 -0.35 4.53
C ASP C 294 -15.87 -0.81 5.05
N LEU C 295 -15.68 -2.10 5.29
CA LEU C 295 -14.36 -2.61 5.65
C LEU C 295 -13.33 -2.40 4.54
N LEU C 296 -13.77 -2.22 3.30
CA LEU C 296 -12.83 -2.01 2.22
C LEU C 296 -12.32 -0.57 2.13
N LYS C 297 -12.72 0.32 3.04
CA LYS C 297 -12.32 1.72 3.00
C LYS C 297 -11.22 2.02 4.00
N ARG C 298 -10.40 3.02 3.65
CA ARG C 298 -9.36 3.53 4.55
C ARG C 298 -9.99 4.31 5.70
N TYR C 299 -11.04 5.08 5.41
CA TYR C 299 -11.78 5.84 6.39
C TYR C 299 -13.03 6.37 5.71
N ILE C 300 -14.04 6.72 6.51
CA ILE C 300 -15.29 7.29 5.99
C ILE C 300 -15.60 8.61 6.72
N HIS D 5 -20.06 22.98 26.56
CA HIS D 5 -18.83 22.56 25.90
C HIS D 5 -18.07 21.59 26.81
N HIS D 6 -17.93 20.33 26.39
CA HIS D 6 -17.31 19.29 27.19
C HIS D 6 -15.82 19.11 26.95
N HIS D 7 -15.29 19.71 25.88
CA HIS D 7 -13.86 19.67 25.57
C HIS D 7 -13.31 18.24 25.53
N HIS D 8 -14.02 17.36 24.82
CA HIS D 8 -13.53 16.04 24.43
C HIS D 8 -13.35 15.09 25.61
N MET D 9 -14.13 15.27 26.67
CA MET D 9 -14.08 14.38 27.82
C MET D 9 -15.42 13.66 27.94
N ILE D 10 -15.37 12.37 28.25
CA ILE D 10 -16.56 11.60 28.61
C ILE D 10 -16.41 11.17 30.06
N TYR D 11 -17.34 11.61 30.91
CA TYR D 11 -17.43 11.14 32.28
C TYR D 11 -18.61 10.17 32.31
N ALA D 12 -18.29 8.88 32.26
CA ALA D 12 -19.27 7.84 31.98
C ALA D 12 -19.74 7.19 33.28
N GLY D 13 -21.04 7.01 33.38
CA GLY D 13 -21.64 6.25 34.46
C GLY D 13 -22.38 5.07 33.87
N VAL D 14 -22.19 3.90 34.48
CA VAL D 14 -22.86 2.68 34.08
C VAL D 14 -23.73 2.26 35.25
N LEU D 15 -25.01 2.02 35.00
CA LEU D 15 -25.95 1.62 36.05
C LEU D 15 -26.19 0.12 35.90
N GLN D 16 -25.53 -0.65 36.77
CA GLN D 16 -25.59 -2.11 36.71
C GLN D 16 -26.46 -2.62 37.86
N HIS D 17 -27.58 -3.25 37.51
CA HIS D 17 -28.53 -3.70 38.52
C HIS D 17 -29.31 -4.89 37.99
N ALA D 18 -30.16 -5.44 38.86
CA ALA D 18 -31.01 -6.57 38.53
C ALA D 18 -32.38 -6.10 38.08
N TYR D 19 -33.12 -7.02 37.47
CA TYR D 19 -34.53 -6.81 37.20
C TYR D 19 -35.31 -6.84 38.50
N CYS D 20 -36.25 -5.90 38.65
CA CYS D 20 -36.90 -5.66 39.94
C CYS D 20 -38.28 -6.30 40.05
N GLY D 21 -38.60 -7.27 39.19
CA GLY D 21 -39.84 -8.01 39.28
C GLY D 21 -40.95 -7.50 38.39
N SER D 22 -40.88 -6.24 37.97
CA SER D 22 -41.84 -5.66 37.05
C SER D 22 -41.15 -4.59 36.22
N ARG D 23 -41.77 -4.24 35.09
CA ARG D 23 -41.27 -3.13 34.28
C ARG D 23 -41.23 -1.83 35.09
N LYS D 24 -42.34 -1.52 35.77
CA LYS D 24 -42.48 -0.26 36.49
C LYS D 24 -41.43 -0.15 37.60
N LYS D 25 -41.29 -1.21 38.41
CA LYS D 25 -40.32 -1.18 39.50
C LYS D 25 -38.89 -1.03 38.99
N THR D 26 -38.57 -1.67 37.87
CA THR D 26 -37.20 -1.62 37.37
C THR D 26 -36.84 -0.22 36.89
N ILE D 27 -37.71 0.42 36.11
CA ILE D 27 -37.37 1.74 35.58
C ILE D 27 -37.30 2.77 36.70
N GLU D 28 -38.15 2.63 37.73
CA GLU D 28 -38.04 3.51 38.88
C GLU D 28 -36.73 3.28 39.64
N HIS D 29 -36.32 2.01 39.76
CA HIS D 29 -35.04 1.71 40.40
C HIS D 29 -33.89 2.32 39.61
N THR D 30 -33.91 2.18 38.28
CA THR D 30 -32.88 2.79 37.47
C THR D 30 -32.86 4.31 37.64
N ALA D 31 -34.04 4.93 37.70
CA ALA D 31 -34.08 6.38 37.91
C ALA D 31 -33.45 6.76 39.24
N ASN D 32 -33.69 5.96 40.29
CA ASN D 32 -33.04 6.23 41.56
C ASN D 32 -31.54 6.06 41.47
N LEU D 33 -31.07 5.00 40.80
CA LEU D 33 -29.64 4.79 40.67
C LEU D 33 -29.00 5.91 39.86
N LEU D 34 -29.70 6.40 38.84
CA LEU D 34 -29.20 7.54 38.09
C LEU D 34 -29.07 8.76 38.99
N GLU D 35 -30.05 8.97 39.86
CA GLU D 35 -29.98 10.08 40.81
C GLU D 35 -28.79 9.93 41.74
N GLN D 36 -28.61 8.73 42.30
CA GLN D 36 -27.44 8.49 43.15
C GLN D 36 -26.16 8.72 42.38
N ALA D 37 -26.10 8.20 41.14
CA ALA D 37 -24.89 8.31 40.34
C ALA D 37 -24.52 9.77 40.11
N LEU D 38 -25.50 10.60 39.77
CA LEU D 38 -25.19 12.00 39.51
C LEU D 38 -24.89 12.76 40.78
N LYS D 39 -25.37 12.28 41.92
CA LYS D 39 -24.95 12.88 43.18
C LYS D 39 -23.52 12.50 43.51
N LYS D 40 -23.17 11.22 43.34
CA LYS D 40 -21.82 10.78 43.68
C LYS D 40 -20.79 11.31 42.68
N HIS D 41 -21.13 11.35 41.39
CA HIS D 41 -20.20 11.74 40.34
C HIS D 41 -20.83 12.87 39.53
N PRO D 42 -20.74 14.11 40.03
CA PRO D 42 -21.46 15.22 39.37
C PRO D 42 -20.96 15.58 37.98
N LYS D 43 -19.75 15.19 37.57
CA LYS D 43 -19.30 15.56 36.22
C LYS D 43 -19.87 14.65 35.14
N THR D 44 -20.57 13.58 35.53
CA THR D 44 -21.09 12.60 34.57
C THR D 44 -21.84 13.28 33.44
N ASN D 45 -21.47 12.98 32.21
CA ASN D 45 -22.20 13.48 31.05
C ASN D 45 -22.76 12.38 30.15
N LEU D 46 -22.45 11.12 30.45
CA LEU D 46 -22.94 9.99 29.67
C LEU D 46 -23.29 8.88 30.63
N VAL D 47 -24.52 8.35 30.52
CA VAL D 47 -24.99 7.25 31.34
C VAL D 47 -25.40 6.11 30.42
N VAL D 48 -24.87 4.92 30.68
CA VAL D 48 -25.17 3.75 29.86
C VAL D 48 -25.86 2.72 30.74
N LEU D 49 -27.01 2.25 30.29
CA LEU D 49 -27.76 1.23 31.01
C LEU D 49 -27.41 -0.15 30.46
N GLN D 50 -27.95 -1.17 31.12
CA GLN D 50 -27.75 -2.54 30.68
C GLN D 50 -28.70 -2.86 29.52
N GLU D 51 -28.38 -3.93 28.79
CA GLU D 51 -29.26 -4.33 27.69
C GLU D 51 -30.64 -4.67 28.24
N LEU D 52 -31.68 -4.30 27.49
CA LEU D 52 -33.08 -4.53 27.85
C LEU D 52 -33.34 -4.13 29.30
N ASN D 53 -32.89 -2.93 29.66
CA ASN D 53 -32.85 -2.53 31.06
C ASN D 53 -34.21 -2.43 31.76
N PRO D 54 -35.35 -2.16 31.10
CA PRO D 54 -36.61 -2.17 31.84
C PRO D 54 -37.13 -3.56 32.13
N TYR D 55 -36.62 -4.58 31.47
CA TYR D 55 -37.27 -5.88 31.43
C TYR D 55 -36.32 -6.96 31.92
N SER D 56 -36.91 -8.12 32.21
CA SER D 56 -36.12 -9.32 32.36
C SER D 56 -35.51 -9.69 31.01
N TYR D 57 -34.47 -10.52 31.05
CA TYR D 57 -33.95 -11.10 29.81
C TYR D 57 -34.91 -12.20 29.37
N PHE D 58 -36.00 -11.77 28.74
CA PHE D 58 -37.11 -12.65 28.42
C PHE D 58 -36.80 -13.61 27.29
N CYS D 59 -35.61 -13.51 26.70
CA CYS D 59 -35.17 -14.44 25.67
C CYS D 59 -34.68 -15.77 26.25
N GLN D 60 -34.72 -15.93 27.58
CA GLN D 60 -34.35 -17.21 28.18
C GLN D 60 -35.29 -18.32 27.72
N SER D 61 -36.54 -17.98 27.41
CA SER D 61 -37.51 -18.93 26.91
C SER D 61 -38.17 -18.37 25.65
N GLU D 62 -38.85 -19.24 24.94
CA GLU D 62 -39.56 -18.90 23.72
C GLU D 62 -41.05 -18.87 24.04
N ASN D 63 -41.60 -17.66 24.17
CA ASN D 63 -42.98 -17.48 24.59
C ASN D 63 -43.53 -16.24 23.89
N PRO D 64 -44.56 -16.41 23.04
CA PRO D 64 -45.08 -15.25 22.31
C PRO D 64 -45.69 -14.20 23.23
N LYS D 65 -45.97 -14.55 24.49
CA LYS D 65 -46.53 -13.59 25.43
C LYS D 65 -45.59 -12.43 25.70
N PHE D 66 -44.28 -12.65 25.58
CA PHE D 66 -43.34 -11.57 25.87
C PHE D 66 -43.41 -10.45 24.84
N PHE D 67 -44.06 -10.68 23.69
CA PHE D 67 -44.26 -9.59 22.74
C PHE D 67 -45.13 -8.49 23.31
N ASP D 68 -45.89 -8.78 24.38
CA ASP D 68 -46.60 -7.73 25.10
C ASP D 68 -45.66 -6.62 25.53
N LEU D 69 -44.39 -6.97 25.80
CA LEU D 69 -43.41 -5.96 26.19
C LEU D 69 -43.11 -4.98 25.08
N GLY D 70 -43.34 -5.35 23.82
CA GLY D 70 -43.14 -4.40 22.73
C GLY D 70 -44.11 -3.23 22.77
N GLU D 71 -45.18 -3.34 23.53
CA GLU D 71 -46.20 -2.30 23.59
C GLU D 71 -45.78 -1.11 24.43
N TYR D 72 -44.68 -1.21 25.16
CA TYR D 72 -44.22 -0.16 26.05
C TYR D 72 -43.14 0.71 25.42
N PHE D 73 -42.80 0.47 24.16
CA PHE D 73 -41.66 1.12 23.53
C PHE D 73 -41.77 2.65 23.57
N GLU D 74 -42.94 3.19 23.20
CA GLU D 74 -43.09 4.64 23.21
C GLU D 74 -43.06 5.18 24.64
N GLU D 75 -43.73 4.48 25.58
CA GLU D 75 -43.71 4.89 26.98
C GLU D 75 -42.30 4.82 27.56
N ASP D 76 -41.52 3.80 27.16
CA ASP D 76 -40.13 3.72 27.58
C ASP D 76 -39.36 4.94 27.10
N LYS D 77 -39.54 5.29 25.83
CA LYS D 77 -38.86 6.45 25.27
C LYS D 77 -39.25 7.74 26.00
N ALA D 78 -40.55 7.91 26.31
CA ALA D 78 -40.95 9.10 27.06
C ALA D 78 -40.30 9.13 28.44
N PHE D 79 -40.24 7.98 29.11
CA PHE D 79 -39.68 7.90 30.46
C PHE D 79 -38.20 8.27 30.49
N PHE D 80 -37.41 7.63 29.64
CA PHE D 80 -35.97 7.86 29.72
C PHE D 80 -35.59 9.18 29.06
N SER D 81 -36.37 9.65 28.08
CA SER D 81 -36.23 11.02 27.63
C SER D 81 -36.37 11.98 28.81
N ALA D 82 -37.37 11.75 29.67
CA ALA D 82 -37.55 12.60 30.83
C ALA D 82 -36.38 12.49 31.80
N LEU D 83 -35.83 11.28 31.96
CA LEU D 83 -34.66 11.11 32.83
C LEU D 83 -33.46 11.87 32.32
N ALA D 84 -33.14 11.72 31.02
CA ALA D 84 -31.99 12.38 30.45
C ALA D 84 -32.10 13.89 30.57
N GLN D 85 -33.29 14.44 30.31
CA GLN D 85 -33.49 15.89 30.40
C GLN D 85 -33.39 16.35 31.85
N LYS D 86 -33.99 15.62 32.79
CA LYS D 86 -34.00 16.07 34.18
C LYS D 86 -32.58 16.17 34.72
N PHE D 87 -31.73 15.20 34.41
CA PHE D 87 -30.37 15.16 34.91
C PHE D 87 -29.34 15.69 33.93
N GLN D 88 -29.77 16.15 32.75
CA GLN D 88 -28.90 16.79 31.75
C GLN D 88 -27.66 15.96 31.43
N VAL D 89 -27.90 14.70 31.06
CA VAL D 89 -26.84 13.80 30.61
C VAL D 89 -27.29 13.15 29.30
N VAL D 90 -26.31 12.72 28.52
CA VAL D 90 -26.61 11.78 27.44
C VAL D 90 -26.88 10.42 28.07
N LEU D 91 -27.98 9.80 27.67
CA LEU D 91 -28.44 8.56 28.30
C LEU D 91 -28.68 7.52 27.22
N ILE D 92 -28.11 6.34 27.41
CA ILE D 92 -28.25 5.23 26.47
C ILE D 92 -29.09 4.14 27.13
N ALA D 93 -30.29 3.94 26.63
CA ALA D 93 -31.16 2.85 27.06
C ALA D 93 -31.24 1.78 25.98
N SER D 94 -31.51 0.55 26.41
CA SER D 94 -31.63 -0.61 25.52
C SER D 94 -33.07 -1.11 25.61
N LEU D 95 -33.83 -0.91 24.54
CA LEU D 95 -35.27 -1.09 24.58
C LEU D 95 -35.71 -2.17 23.59
N PHE D 96 -37.02 -2.42 23.57
CA PHE D 96 -37.64 -3.47 22.79
C PHE D 96 -38.66 -2.80 21.86
N GLU D 97 -38.24 -2.57 20.62
CA GLU D 97 -39.00 -1.77 19.66
C GLU D 97 -39.94 -2.65 18.84
N LYS D 98 -41.21 -2.26 18.80
CA LYS D 98 -42.18 -2.81 17.86
C LYS D 98 -42.28 -1.86 16.67
N ARG D 99 -41.72 -2.25 15.53
CA ARG D 99 -41.78 -1.40 14.35
C ARG D 99 -43.12 -1.53 13.64
N ALA D 100 -43.69 -2.74 13.63
CA ALA D 100 -44.97 -3.02 12.99
C ALA D 100 -45.42 -4.38 13.48
N LYS D 101 -46.64 -4.76 13.08
CA LYS D 101 -47.16 -6.08 13.40
C LYS D 101 -46.20 -7.17 12.92
N GLY D 102 -45.80 -8.04 13.84
CA GLY D 102 -44.88 -9.12 13.53
C GLY D 102 -43.44 -8.68 13.31
N LEU D 103 -43.08 -7.44 13.65
CA LEU D 103 -41.74 -6.95 13.38
C LEU D 103 -41.24 -6.20 14.61
N TYR D 104 -40.19 -6.72 15.22
CA TYR D 104 -39.63 -6.17 16.44
C TYR D 104 -38.11 -6.10 16.29
N HIS D 105 -37.51 -5.17 17.03
CA HIS D 105 -36.06 -5.02 17.06
C HIS D 105 -35.59 -4.87 18.49
N ASN D 106 -34.33 -5.28 18.73
CA ASN D 106 -33.61 -4.97 19.96
C ASN D 106 -32.94 -3.62 19.71
N SER D 107 -33.49 -2.56 20.28
CA SER D 107 -33.17 -1.21 19.85
C SER D 107 -32.61 -0.42 21.03
N ALA D 108 -31.36 -0.01 20.90
CA ALA D 108 -30.76 0.91 21.85
C ALA D 108 -31.03 2.32 21.38
N VAL D 109 -31.44 3.18 22.32
CA VAL D 109 -31.83 4.56 22.03
C VAL D 109 -30.95 5.49 22.84
N VAL D 110 -30.45 6.53 22.18
CA VAL D 110 -29.58 7.51 22.81
C VAL D 110 -30.37 8.80 22.98
N PHE D 111 -30.46 9.27 24.22
CA PHE D 111 -31.15 10.51 24.52
C PHE D 111 -30.11 11.61 24.73
N GLU D 112 -30.27 12.71 24.00
CA GLU D 112 -29.49 13.92 24.21
C GLU D 112 -29.92 14.59 25.51
N LYS D 113 -29.10 15.55 25.97
CA LYS D 113 -29.34 16.21 27.25
C LYS D 113 -30.66 16.96 27.30
N ASP D 114 -31.25 17.31 26.16
CA ASP D 114 -32.55 17.96 26.13
C ASP D 114 -33.70 16.98 26.01
N GLY D 115 -33.42 15.68 26.09
CA GLY D 115 -34.44 14.68 25.96
C GLY D 115 -34.73 14.23 24.54
N SER D 116 -34.19 14.90 23.52
CA SER D 116 -34.40 14.47 22.16
C SER D 116 -33.59 13.20 21.89
N ILE D 117 -34.04 12.43 20.90
CA ILE D 117 -33.39 11.17 20.56
C ILE D 117 -32.28 11.48 19.58
N ALA D 118 -31.04 11.27 20.02
CA ALA D 118 -29.90 11.48 19.12
C ALA D 118 -29.82 10.41 18.06
N GLY D 119 -30.30 9.20 18.36
CA GLY D 119 -30.25 8.13 17.39
C GLY D 119 -30.72 6.83 18.00
N VAL D 120 -30.90 5.84 17.13
CA VAL D 120 -31.36 4.52 17.52
C VAL D 120 -30.51 3.49 16.80
N TYR D 121 -30.10 2.45 17.52
CA TYR D 121 -29.33 1.36 16.93
C TYR D 121 -30.09 0.06 17.12
N ARG D 122 -30.34 -0.64 16.02
CA ARG D 122 -31.00 -1.93 16.04
C ARG D 122 -29.94 -3.02 15.97
N LYS D 123 -29.90 -3.87 16.99
CA LYS D 123 -28.97 -4.98 17.07
C LYS D 123 -28.89 -5.72 15.74
N MET D 124 -27.67 -5.89 15.25
CA MET D 124 -27.42 -6.43 13.92
C MET D 124 -27.19 -7.94 13.95
N HIS D 125 -26.34 -8.40 14.85
CA HIS D 125 -26.05 -9.82 14.97
C HIS D 125 -26.99 -10.43 16.00
N ILE D 126 -27.85 -11.34 15.56
CA ILE D 126 -28.88 -11.93 16.42
C ILE D 126 -28.56 -13.40 16.64
N PRO D 127 -28.31 -13.81 17.87
CA PRO D 127 -27.99 -15.22 18.16
C PRO D 127 -29.26 -16.05 18.28
N ASP D 128 -29.08 -17.36 18.40
CA ASP D 128 -30.19 -18.29 18.60
C ASP D 128 -29.74 -19.60 19.23
N GLY D 131 -30.95 -20.91 25.60
CA GLY D 131 -30.87 -19.94 26.66
C GLY D 131 -30.76 -18.50 26.19
N PHE D 132 -30.57 -18.33 24.88
CA PHE D 132 -30.46 -17.02 24.25
C PHE D 132 -31.26 -17.01 22.95
N TYR D 133 -32.58 -17.22 23.05
CA TYR D 133 -33.45 -17.35 21.88
C TYR D 133 -33.86 -15.99 21.32
N GLU D 134 -32.86 -15.19 20.97
CA GLU D 134 -33.15 -13.81 20.54
C GLU D 134 -33.75 -13.77 19.13
N LYS D 135 -33.40 -14.75 18.28
CA LYS D 135 -33.93 -14.76 16.92
C LYS D 135 -35.44 -14.95 16.88
N PHE D 136 -36.04 -15.48 17.95
CA PHE D 136 -37.49 -15.61 18.01
C PHE D 136 -38.17 -14.27 18.18
N TYR D 137 -37.54 -13.34 18.90
CA TYR D 137 -38.15 -12.04 19.23
C TYR D 137 -37.70 -10.90 18.34
N PHE D 138 -36.40 -10.82 18.02
CA PHE D 138 -35.80 -9.65 17.41
C PHE D 138 -35.50 -9.92 15.93
N THR D 139 -36.15 -9.18 15.05
CA THR D 139 -35.71 -9.13 13.66
C THR D 139 -34.33 -8.48 13.62
N PRO D 140 -33.37 -9.03 12.89
CA PRO D 140 -32.03 -8.42 12.83
C PRO D 140 -32.08 -6.99 12.31
N GLY D 141 -31.16 -6.17 12.81
CA GLY D 141 -31.14 -4.76 12.43
C GLY D 141 -31.02 -4.57 10.93
N ASP D 142 -31.57 -3.46 10.46
CA ASP D 142 -31.54 -3.13 9.04
C ASP D 142 -30.90 -1.78 8.74
N LEU D 143 -30.47 -1.05 9.76
CA LEU D 143 -29.82 0.25 9.59
C LEU D 143 -28.30 0.18 9.45
N GLY D 144 -27.69 -0.94 9.82
CA GLY D 144 -26.25 -1.09 9.69
C GLY D 144 -25.47 -0.53 10.86
N PHE D 145 -24.17 -0.34 10.63
CA PHE D 145 -23.25 0.11 11.69
C PHE D 145 -22.91 1.60 11.45
N GLU D 146 -23.69 2.48 12.09
CA GLU D 146 -23.51 3.93 12.01
C GLU D 146 -23.33 4.48 13.42
N PRO D 147 -22.28 5.24 13.71
CA PRO D 147 -22.15 5.85 15.03
C PRO D 147 -23.25 6.89 15.19
N ILE D 148 -23.55 7.22 16.44
CA ILE D 148 -24.61 8.17 16.77
C ILE D 148 -23.95 9.44 17.30
N ILE D 149 -24.25 10.56 16.66
CA ILE D 149 -23.65 11.84 17.01
C ILE D 149 -24.39 12.43 18.20
N THR D 150 -23.63 12.78 19.25
CA THR D 150 -24.20 13.38 20.44
C THR D 150 -23.30 14.52 20.91
N SER D 151 -23.80 15.25 21.89
CA SER D 151 -23.06 16.39 22.44
C SER D 151 -21.81 15.96 23.20
N VAL D 152 -21.67 14.67 23.54
CA VAL D 152 -20.47 14.19 24.20
C VAL D 152 -19.55 13.42 23.25
N GLY D 153 -19.92 13.31 21.97
CA GLY D 153 -19.04 12.65 21.03
C GLY D 153 -19.80 11.74 20.08
N LYS D 154 -19.09 11.17 19.11
CA LYS D 154 -19.67 10.22 18.17
C LYS D 154 -19.61 8.83 18.79
N LEU D 155 -20.76 8.25 19.09
CA LEU D 155 -20.84 7.03 19.88
C LEU D 155 -20.96 5.82 18.95
N GLY D 156 -19.99 4.92 19.02
CA GLY D 156 -20.10 3.65 18.32
C GLY D 156 -20.92 2.68 19.13
N LEU D 157 -22.24 2.80 19.05
CA LEU D 157 -23.13 2.03 19.91
C LEU D 157 -23.55 0.75 19.20
N MET D 158 -23.30 -0.39 19.86
CA MET D 158 -23.80 -1.68 19.43
C MET D 158 -24.39 -2.37 20.66
N VAL D 159 -24.97 -3.56 20.47
CA VAL D 159 -25.71 -4.24 21.54
C VAL D 159 -25.24 -5.68 21.63
N CYS D 160 -24.86 -6.08 22.85
CA CYS D 160 -24.59 -7.46 23.24
C CYS D 160 -23.91 -8.28 22.14
N TRP D 161 -24.66 -9.19 21.50
CA TRP D 161 -24.06 -10.17 20.59
C TRP D 161 -23.18 -9.52 19.52
N ASP D 162 -23.48 -8.27 19.14
CA ASP D 162 -22.63 -7.53 18.20
C ASP D 162 -21.17 -7.52 18.63
N GLN D 163 -20.91 -7.59 19.94
CA GLN D 163 -19.56 -7.42 20.44
C GLN D 163 -18.65 -8.60 20.13
N TRP D 164 -19.18 -9.69 19.57
CA TRP D 164 -18.30 -10.78 19.18
C TRP D 164 -17.74 -10.61 17.79
N TYR D 165 -18.08 -9.52 17.09
CA TYR D 165 -17.69 -9.35 15.69
C TYR D 165 -16.72 -8.20 15.53
N PRO D 166 -15.43 -8.47 15.35
CA PRO D 166 -14.48 -7.38 15.10
C PRO D 166 -14.88 -6.51 13.92
N GLU D 167 -15.56 -7.09 12.92
CA GLU D 167 -15.99 -6.31 11.77
C GLU D 167 -16.85 -5.12 12.18
N ALA D 168 -17.77 -5.33 13.12
CA ALA D 168 -18.68 -4.26 13.54
C ALA D 168 -17.93 -3.13 14.23
N ALA D 169 -17.02 -3.46 15.16
CA ALA D 169 -16.23 -2.42 15.82
C ALA D 169 -15.40 -1.62 14.80
N ARG D 170 -14.80 -2.30 13.82
CA ARG D 170 -13.94 -1.63 12.85
C ARG D 170 -14.73 -0.62 12.02
N ILE D 171 -15.91 -1.01 11.57
CA ILE D 171 -16.73 -0.13 10.75
C ILE D 171 -17.14 1.10 11.53
N MET D 172 -17.51 0.93 12.80
CA MET D 172 -17.80 2.07 13.66
C MET D 172 -16.62 3.02 13.70
N ALA D 173 -15.42 2.48 13.94
CA ALA D 173 -14.22 3.32 14.03
C ALA D 173 -13.94 4.01 12.70
N LEU D 174 -14.11 3.30 11.58
CA LEU D 174 -13.90 3.87 10.26
C LEU D 174 -14.88 5.00 9.96
N LYS D 175 -16.05 4.99 10.61
CA LYS D 175 -17.03 6.05 10.41
C LYS D 175 -16.93 7.11 11.48
N GLY D 176 -15.82 7.14 12.22
CA GLY D 176 -15.55 8.23 13.13
C GLY D 176 -16.04 8.07 14.55
N ALA D 177 -16.47 6.86 14.94
CA ALA D 177 -16.77 6.63 16.34
C ALA D 177 -15.56 7.01 17.21
N GLU D 178 -15.84 7.69 18.33
CA GLU D 178 -14.83 8.07 19.30
C GLU D 178 -14.80 7.16 20.52
N ILE D 179 -15.76 6.23 20.62
CA ILE D 179 -15.85 5.31 21.74
C ILE D 179 -16.76 4.17 21.30
N LEU D 180 -16.47 2.97 21.80
CA LEU D 180 -17.30 1.79 21.51
C LEU D 180 -18.10 1.47 22.76
N ILE D 181 -19.40 1.24 22.60
CA ILE D 181 -20.32 1.05 23.71
C ILE D 181 -21.21 -0.15 23.43
N TYR D 182 -21.33 -1.05 24.42
CA TYR D 182 -22.08 -2.29 24.28
C TYR D 182 -22.91 -2.59 25.52
N PRO D 183 -24.18 -2.20 25.53
CA PRO D 183 -25.08 -2.74 26.56
C PRO D 183 -25.28 -4.24 26.32
N SER D 184 -25.13 -5.03 27.39
CA SER D 184 -25.13 -6.49 27.26
C SER D 184 -25.95 -7.13 28.36
N ALA D 185 -26.26 -8.41 28.15
CA ALA D 185 -26.90 -9.28 29.13
C ALA D 185 -26.25 -10.65 28.97
N ILE D 186 -25.25 -10.92 29.80
CA ILE D 186 -24.48 -12.16 29.73
C ILE D 186 -24.34 -12.73 31.14
N GLY D 187 -24.57 -14.03 31.27
CA GLY D 187 -24.50 -14.70 32.55
C GLY D 187 -24.10 -16.14 32.36
N PHE D 188 -24.08 -16.87 33.47
CA PHE D 188 -23.66 -18.27 33.47
C PHE D 188 -24.85 -19.16 33.77
N LEU D 189 -24.78 -20.40 33.30
CA LEU D 189 -25.79 -21.41 33.53
C LEU D 189 -25.31 -22.39 34.60
N GLU D 190 -26.27 -23.03 35.26
CA GLU D 190 -25.94 -23.98 36.33
C GLU D 190 -25.15 -25.17 35.82
N GLU D 191 -25.38 -25.58 34.56
CA GLU D 191 -24.71 -26.75 34.03
C GLU D 191 -23.21 -26.52 33.79
N ASP D 192 -22.81 -25.27 33.64
CA ASP D 192 -21.43 -24.94 33.29
C ASP D 192 -20.50 -25.10 34.48
N SER D 193 -19.30 -25.61 34.23
CA SER D 193 -18.29 -25.78 35.27
C SER D 193 -17.71 -24.44 35.71
N ASN D 194 -16.96 -24.48 36.82
CA ASN D 194 -16.35 -23.27 37.35
C ASN D 194 -15.26 -22.74 36.43
N GLU D 195 -14.45 -23.62 35.85
CA GLU D 195 -13.41 -23.19 34.91
C GLU D 195 -14.02 -22.60 33.65
N GLU D 196 -15.07 -23.24 33.11
CA GLU D 196 -15.71 -22.75 31.89
C GLU D 196 -16.35 -21.39 32.12
N LYS D 197 -17.01 -21.21 33.26
CA LYS D 197 -17.57 -19.90 33.57
C LYS D 197 -16.47 -18.85 33.61
N LYS D 198 -15.34 -19.19 34.23
CA LYS D 198 -14.20 -18.27 34.23
C LYS D 198 -13.72 -18.00 32.81
N ARG D 199 -13.62 -19.05 31.98
CA ARG D 199 -13.19 -18.86 30.60
C ARG D 199 -14.22 -18.07 29.80
N GLN D 200 -15.50 -18.35 30.02
CA GLN D 200 -16.54 -17.61 29.32
C GLN D 200 -16.45 -16.12 29.63
N GLN D 201 -16.35 -15.76 30.90
CA GLN D 201 -16.31 -14.35 31.26
C GLN D 201 -15.04 -13.68 30.74
N ASN D 202 -13.90 -14.37 30.82
CA ASN D 202 -12.66 -13.76 30.33
C ASN D 202 -12.71 -13.56 28.82
N ALA D 203 -13.32 -14.50 28.10
CA ALA D 203 -13.46 -14.35 26.66
C ALA D 203 -14.31 -13.13 26.32
N TRP D 204 -15.35 -12.88 27.12
CA TRP D 204 -16.18 -11.70 26.91
C TRP D 204 -15.38 -10.41 27.08
N GLU D 205 -14.52 -10.35 28.08
CA GLU D 205 -13.67 -9.18 28.24
C GLU D 205 -12.60 -9.11 27.16
N THR D 206 -11.96 -10.24 26.87
CA THR D 206 -10.80 -10.22 25.97
C THR D 206 -11.20 -9.74 24.59
N ILE D 207 -12.31 -10.25 24.05
CA ILE D 207 -12.70 -9.90 22.69
C ILE D 207 -12.99 -8.41 22.59
N GLN D 208 -13.58 -7.81 23.63
CA GLN D 208 -13.91 -6.40 23.55
C GLN D 208 -12.68 -5.53 23.77
N ARG D 209 -11.77 -5.94 24.64
CA ARG D 209 -10.49 -5.25 24.74
C ARG D 209 -9.78 -5.27 23.39
N GLY D 210 -9.96 -6.34 22.61
CA GLY D 210 -9.39 -6.39 21.28
C GLY D 210 -9.98 -5.37 20.34
N HIS D 211 -11.28 -5.08 20.49
CA HIS D 211 -11.88 -4.00 19.72
C HIS D 211 -11.24 -2.66 20.06
N ALA D 212 -11.04 -2.39 21.35
CA ALA D 212 -10.40 -1.14 21.77
C ALA D 212 -9.00 -1.03 21.19
N ILE D 213 -8.21 -2.10 21.31
CA ILE D 213 -6.83 -2.10 20.84
C ILE D 213 -6.76 -1.90 19.33
N ALA D 214 -7.58 -2.65 18.60
CA ALA D 214 -7.49 -2.64 17.14
C ALA D 214 -7.86 -1.29 16.56
N ASN D 215 -8.75 -0.55 17.22
CA ASN D 215 -9.26 0.70 16.69
C ASN D 215 -8.76 1.93 17.42
N GLY D 216 -7.95 1.76 18.45
CA GLY D 216 -7.47 2.91 19.22
C GLY D 216 -8.59 3.67 19.90
N LEU D 217 -9.63 2.98 20.36
CA LEU D 217 -10.80 3.61 20.92
C LEU D 217 -11.09 3.10 22.32
N PRO D 218 -11.57 3.96 23.22
CA PRO D 218 -12.05 3.47 24.51
C PRO D 218 -13.34 2.69 24.35
N LEU D 219 -13.67 1.91 25.37
CA LEU D 219 -14.80 1.00 25.19
C LEU D 219 -15.53 0.84 26.51
N ILE D 220 -16.86 0.88 26.43
CA ILE D 220 -17.73 0.62 27.58
C ILE D 220 -18.55 -0.64 27.27
N ALA D 221 -18.54 -1.58 28.22
CA ALA D 221 -19.38 -2.75 28.16
C ALA D 221 -20.20 -2.82 29.44
N THR D 222 -21.52 -2.92 29.31
CA THR D 222 -22.40 -2.99 30.48
C THR D 222 -23.12 -4.33 30.51
N ASN D 223 -23.54 -4.71 31.71
CA ASN D 223 -24.19 -5.99 31.95
C ASN D 223 -25.03 -5.83 33.20
N ARG D 224 -26.06 -6.68 33.30
CA ARG D 224 -26.93 -6.71 34.46
C ARG D 224 -26.41 -7.73 35.48
N VAL D 225 -27.06 -7.79 36.63
CA VAL D 225 -26.74 -8.75 37.67
C VAL D 225 -28.00 -9.49 38.08
N GLY D 226 -27.83 -10.56 38.83
CA GLY D 226 -28.94 -11.26 39.42
C GLY D 226 -29.23 -12.58 38.72
N VAL D 227 -29.87 -13.46 39.47
CA VAL D 227 -30.37 -14.72 38.95
C VAL D 227 -31.74 -14.47 38.34
N GLU D 228 -31.96 -14.97 37.13
CA GLU D 228 -33.29 -14.92 36.51
C GLU D 228 -33.65 -16.32 36.07
N LEU D 229 -34.76 -16.83 36.58
CA LEU D 229 -35.15 -18.21 36.34
C LEU D 229 -35.96 -18.33 35.05
N ASP D 230 -35.78 -19.44 34.37
CA ASP D 230 -36.50 -19.72 33.13
C ASP D 230 -37.96 -20.01 33.48
N PRO D 231 -38.91 -19.18 33.07
CA PRO D 231 -40.32 -19.45 33.41
C PRO D 231 -40.84 -20.76 32.83
N SER D 232 -40.23 -21.25 31.74
CA SER D 232 -40.59 -22.55 31.20
C SER D 232 -40.02 -23.71 32.00
N GLY D 233 -39.06 -23.46 32.88
CA GLY D 233 -38.49 -24.52 33.68
C GLY D 233 -37.44 -25.36 33.02
N ALA D 234 -36.98 -24.99 31.82
CA ALA D 234 -36.01 -25.81 31.11
C ALA D 234 -34.63 -25.76 31.76
N ILE D 235 -34.18 -24.57 32.16
CA ILE D 235 -32.84 -24.39 32.72
C ILE D 235 -32.99 -24.25 34.23
N LYS D 236 -32.64 -25.31 34.96
CA LYS D 236 -32.70 -25.27 36.41
C LYS D 236 -31.68 -24.27 36.94
N GLY D 237 -32.12 -23.40 37.86
CA GLY D 237 -31.27 -22.35 38.37
C GLY D 237 -31.21 -21.11 37.51
N GLY D 238 -31.83 -21.14 36.32
CA GLY D 238 -31.89 -20.00 35.42
C GLY D 238 -30.51 -19.51 35.01
N ILE D 239 -30.43 -18.20 34.75
CA ILE D 239 -29.20 -17.55 34.31
C ILE D 239 -28.73 -16.63 35.42
N THR D 240 -27.46 -16.74 35.78
CA THR D 240 -26.87 -15.89 36.81
C THR D 240 -26.07 -14.82 36.08
N PHE D 241 -26.61 -13.61 36.04
CA PHE D 241 -25.94 -12.51 35.35
C PHE D 241 -24.83 -11.98 36.24
N PHE D 242 -23.61 -11.98 35.72
CA PHE D 242 -22.43 -11.74 36.55
C PHE D 242 -21.98 -10.29 36.54
N GLY D 243 -22.78 -9.38 36.01
CA GLY D 243 -22.39 -7.99 35.96
C GLY D 243 -21.01 -7.79 35.37
N SER D 244 -20.10 -7.25 36.17
CA SER D 244 -18.70 -7.07 35.80
C SER D 244 -18.57 -6.15 34.58
N SER D 245 -19.41 -5.12 34.55
CA SER D 245 -19.25 -4.05 33.59
C SER D 245 -17.86 -3.45 33.71
N PHE D 246 -17.34 -2.95 32.58
CA PHE D 246 -15.98 -2.41 32.56
C PHE D 246 -15.84 -1.35 31.47
N VAL D 247 -14.77 -0.59 31.60
CA VAL D 247 -14.39 0.46 30.64
C VAL D 247 -12.90 0.28 30.37
N VAL D 248 -12.50 0.30 29.11
CA VAL D 248 -11.09 0.24 28.75
C VAL D 248 -10.76 1.43 27.88
N GLY D 249 -9.47 1.78 27.87
CA GLY D 249 -8.95 2.85 27.04
C GLY D 249 -8.47 2.34 25.69
N ALA D 250 -7.88 3.26 24.93
CA ALA D 250 -7.50 3.00 23.54
C ALA D 250 -6.36 2.01 23.40
N LEU D 251 -5.70 1.65 24.51
CA LEU D 251 -4.67 0.62 24.53
C LEU D 251 -5.19 -0.69 25.13
N GLY D 252 -6.49 -0.82 25.38
CA GLY D 252 -7.01 -1.99 26.04
C GLY D 252 -6.86 -2.02 27.54
N GLU D 253 -6.36 -0.93 28.15
CA GLU D 253 -6.12 -0.88 29.59
C GLU D 253 -7.42 -0.61 30.35
N PHE D 254 -7.58 -1.26 31.50
CA PHE D 254 -8.78 -1.08 32.28
C PHE D 254 -8.83 0.31 32.92
N LEU D 255 -9.93 1.02 32.71
CA LEU D 255 -10.19 2.27 33.43
C LEU D 255 -11.11 2.08 34.63
N ALA D 256 -12.03 1.11 34.55
CA ALA D 256 -12.91 0.77 35.66
C ALA D 256 -13.47 -0.61 35.42
N LYS D 257 -13.69 -1.36 36.50
CA LYS D 257 -14.25 -2.70 36.38
C LYS D 257 -15.15 -2.92 37.58
N ALA D 258 -16.36 -3.42 37.34
CA ALA D 258 -17.37 -3.58 38.38
C ALA D 258 -17.40 -5.00 38.93
N SER D 259 -18.04 -5.13 40.09
CA SER D 259 -18.28 -6.42 40.75
C SER D 259 -19.38 -7.18 40.03
N ASP D 260 -19.86 -8.26 40.66
CA ASP D 260 -21.02 -8.99 40.16
C ASP D 260 -22.29 -8.66 40.94
N LYS D 261 -22.28 -7.57 41.70
CA LYS D 261 -23.44 -7.07 42.40
C LYS D 261 -23.84 -5.73 41.81
N GLU D 262 -24.97 -5.21 42.26
CA GLU D 262 -25.42 -3.91 41.77
C GLU D 262 -24.36 -2.84 42.03
N GLU D 263 -24.10 -2.00 41.02
CA GLU D 263 -23.00 -1.06 41.14
C GLU D 263 -23.20 0.10 40.18
N ILE D 264 -22.82 1.29 40.64
CA ILE D 264 -22.66 2.45 39.79
C ILE D 264 -21.17 2.54 39.45
N LEU D 265 -20.83 2.27 38.20
CA LEU D 265 -19.46 2.30 37.74
C LEU D 265 -19.20 3.63 37.06
N TYR D 266 -18.05 4.23 37.37
CA TYR D 266 -17.70 5.55 36.86
C TYR D 266 -16.30 5.49 36.26
N ALA D 267 -16.12 6.20 35.14
CA ALA D 267 -14.85 6.27 34.45
C ALA D 267 -14.70 7.61 33.77
N GLU D 268 -13.50 8.17 33.83
CA GLU D 268 -13.16 9.42 33.15
C GLU D 268 -12.36 9.09 31.90
N ILE D 269 -12.91 9.44 30.74
CA ILE D 269 -12.40 8.99 29.45
C ILE D 269 -11.97 10.21 28.65
N ASP D 270 -10.70 10.27 28.32
CA ASP D 270 -10.15 11.35 27.50
C ASP D 270 -10.14 10.85 26.06
N LEU D 271 -11.08 11.34 25.26
CA LEU D 271 -11.14 10.91 23.86
C LEU D 271 -9.89 11.33 23.09
N GLU D 272 -9.25 12.42 23.52
CA GLU D 272 -8.06 12.90 22.81
C GLU D 272 -6.90 11.91 22.88
N ARG D 273 -6.93 10.95 23.80
CA ARG D 273 -5.86 9.97 23.88
C ARG D 273 -5.80 9.09 22.64
N THR D 274 -6.91 9.00 21.91
CA THR D 274 -6.91 8.22 20.68
C THR D 274 -5.87 8.76 19.70
N GLU D 275 -5.66 10.07 19.68
CA GLU D 275 -4.66 10.65 18.79
C GLU D 275 -3.28 10.09 19.10
N GLU D 276 -2.89 10.12 20.38
CA GLU D 276 -1.55 9.67 20.77
C GLU D 276 -1.37 8.17 20.56
N VAL D 277 -2.41 7.39 20.85
CA VAL D 277 -2.31 5.95 20.69
C VAL D 277 -2.14 5.58 19.22
N ARG D 278 -2.94 6.21 18.35
CA ARG D 278 -2.90 5.82 16.94
C ARG D 278 -1.60 6.24 16.27
N ARG D 279 -0.96 7.32 16.73
CA ARG D 279 0.37 7.63 16.21
C ARG D 279 1.36 6.55 16.59
N MET D 280 1.28 6.04 17.81
CA MET D 280 2.18 4.98 18.25
C MET D 280 1.80 3.64 17.62
N TRP D 281 0.51 3.42 17.34
CA TRP D 281 0.02 2.15 16.79
CA TRP D 281 0.02 2.15 16.79
C TRP D 281 -0.85 2.45 15.57
N PRO D 282 -0.22 2.76 14.43
CA PRO D 282 -0.97 3.19 13.23
C PRO D 282 -1.60 2.05 12.44
N PHE D 283 -2.48 1.30 13.11
CA PHE D 283 -3.17 0.21 12.43
C PHE D 283 -4.01 0.73 11.28
N LEU D 284 -4.69 1.86 11.47
CA LEU D 284 -5.57 2.32 10.40
C LEU D 284 -4.78 2.70 9.16
N ARG D 285 -3.56 3.23 9.36
CA ARG D 285 -2.68 3.58 8.25
C ARG D 285 -2.28 2.36 7.44
N ASP D 286 -2.10 1.21 8.12
CA ASP D 286 -1.47 0.05 7.50
C ASP D 286 -2.45 -1.04 7.06
N ARG D 287 -3.75 -0.90 7.34
CA ARG D 287 -4.72 -1.92 6.90
C ARG D 287 -4.60 -2.18 5.40
N ARG D 288 -4.51 -3.45 5.04
CA ARG D 288 -4.39 -3.86 3.64
C ARG D 288 -5.79 -4.01 3.04
N ILE D 289 -6.47 -2.87 2.93
CA ILE D 289 -7.83 -2.87 2.41
C ILE D 289 -7.90 -3.38 0.98
N ASP D 290 -6.79 -3.36 0.24
CA ASP D 290 -6.79 -3.93 -1.09
C ASP D 290 -6.90 -5.46 -1.08
N PHE D 291 -6.74 -6.10 0.08
CA PHE D 291 -6.88 -7.55 0.16
C PHE D 291 -7.89 -7.95 1.22
N TYR D 292 -8.87 -7.09 1.49
CA TYR D 292 -9.88 -7.41 2.49
C TYR D 292 -11.18 -7.92 1.88
N ASN D 293 -11.23 -8.08 0.55
CA ASN D 293 -12.47 -8.42 -0.13
C ASN D 293 -13.09 -9.70 0.39
N ASP D 294 -12.27 -10.67 0.76
CA ASP D 294 -12.83 -11.95 1.16
C ASP D 294 -13.60 -11.88 2.48
N LEU D 295 -13.49 -10.77 3.21
CA LEU D 295 -14.34 -10.60 4.38
C LEU D 295 -15.81 -10.50 4.00
N LEU D 296 -16.11 -10.14 2.76
CA LEU D 296 -17.50 -9.96 2.33
C LEU D 296 -18.15 -11.25 1.88
N LYS D 297 -17.47 -12.39 1.99
CA LYS D 297 -18.02 -13.68 1.59
C LYS D 297 -18.49 -14.47 2.81
N ARG D 298 -19.53 -15.27 2.62
CA ARG D 298 -20.03 -16.18 3.65
C ARG D 298 -19.07 -17.34 3.88
#